data_4MLA
#
_entry.id   4MLA
#
_cell.length_a   75.720
_cell.length_b   181.890
_cell.length_c   196.960
_cell.angle_alpha   90.00
_cell.angle_beta   90.00
_cell.angle_gamma   90.00
#
_symmetry.space_group_name_H-M   'C 2 2 21'
#
loop_
_entity.id
_entity.type
_entity.pdbx_description
1 polymer 'Cytokinin oxidase 2'
2 non-polymer 'FLAVIN-ADENINE DINUCLEOTIDE'
3 non-polymer 'ISOPROPYL ALCOHOL'
4 non-polymer 1,2-ETHANEDIOL
5 non-polymer GLYCEROL
6 water water
#
_entity_poly.entity_id   1
_entity_poly.type   'polypeptide(L)'
_entity_poly.pdbx_seq_one_letter_code
;AGHMRLTMHVPDEDMLSPLGALRLDGHFSFHDVSAMARDFGNQCSFLPAAVLHPGSVSDIAATVRHVFSLGEGSPLTVAA
RGHGHSLMGQSQAAQGIVVRMESLRGARLQVHDGFVDAPGGELWINVLRETLKHGLAPKSWTDYLHLTVGGTLSNAGVSG
QAFRHGPQVSNVNQLEIVTGRGDVVTCSPEDNSDLFYAALGGLGQFGIITRARIALEPAPEMVRWIRVLYSDFESFTEDQ
EMLIMAENSFDYIEGFVIINRTGILNNWRASFKPQDPVQASHFQSDGRVLYCLELTKNFNSGDTDTMEQEVAVLLSRLRF
IQSTLFHTDVTYLEFLDRVHTSELKLRAQSLWEVPHPWLNLLIPRSSIRRFATEVFGRILKDSNNGPILLYPVNKSKWDN
KTSVVIPDEEIFYLVGFLSSAPSLSGHGSIAHAMSLNSQIVEFCEEADIGMKQYLAHYTTQEQWKTHFGARWETFERRKH
RYDPLAILAPGQRIFPKASLP
;
_entity_poly.pdbx_strand_id   A,B
#
loop_
_chem_comp.id
_chem_comp.type
_chem_comp.name
_chem_comp.formula
EDO non-polymer 1,2-ETHANEDIOL 'C2 H6 O2'
FAD non-polymer 'FLAVIN-ADENINE DINUCLEOTIDE' 'C27 H33 N9 O15 P2'
GOL non-polymer GLYCEROL 'C3 H8 O3'
IPA non-polymer 'ISOPROPYL ALCOHOL' 'C3 H8 O'
#
# COMPACT_ATOMS: atom_id res chain seq x y z
N ASP A 14 17.16 12.16 11.49
CA ASP A 14 15.95 12.33 12.29
C ASP A 14 15.48 11.00 12.87
N MET A 15 15.64 10.82 14.20
CA MET A 15 15.21 9.63 14.95
C MET A 15 13.77 9.78 15.41
N LEU A 16 13.26 11.02 15.44
CA LEU A 16 11.89 11.33 15.85
C LEU A 16 10.84 11.40 14.71
N SER A 17 11.29 11.29 13.44
CA SER A 17 10.39 11.24 12.29
C SER A 17 9.77 9.84 12.14
N PRO A 18 10.50 8.69 12.35
CA PRO A 18 9.84 7.38 12.25
C PRO A 18 8.87 7.12 13.40
N LEU A 19 9.03 7.90 14.49
CA LEU A 19 8.21 7.93 15.70
C LEU A 19 6.86 8.54 15.30
N GLY A 20 6.92 9.63 14.53
CA GLY A 20 5.75 10.31 14.00
C GLY A 20 5.01 9.51 12.94
N ALA A 21 5.68 8.44 12.41
CA ALA A 21 5.14 7.51 11.40
C ALA A 21 4.39 6.29 12.03
N LEU A 22 4.50 6.10 13.35
CA LEU A 22 3.77 5.03 14.04
C LEU A 22 2.26 5.30 13.98
N ARG A 23 1.45 4.28 13.65
CA ARG A 23 -0.01 4.38 13.55
C ARG A 23 -0.66 4.18 14.93
N LEU A 24 -0.48 5.17 15.80
CA LEU A 24 -0.96 5.14 17.18
C LEU A 24 -2.46 5.32 17.31
N ASP A 25 -3.02 4.74 18.39
CA ASP A 25 -4.41 4.99 18.77
C ASP A 25 -4.50 6.46 19.29
N GLY A 26 -3.45 6.91 19.98
CA GLY A 26 -3.24 8.27 20.49
C GLY A 26 -2.34 9.10 19.57
N HIS A 27 -1.43 9.90 20.15
CA HIS A 27 -0.53 10.76 19.34
C HIS A 27 0.69 11.22 20.11
N PHE A 28 1.71 11.68 19.38
CA PHE A 28 2.93 12.30 19.90
C PHE A 28 2.83 13.82 19.75
N SER A 29 3.39 14.55 20.74
CA SER A 29 3.58 16.01 20.79
C SER A 29 5.10 16.19 20.74
N PHE A 30 5.64 16.89 19.71
CA PHE A 30 7.10 17.08 19.56
C PHE A 30 7.60 18.51 19.83
N HIS A 31 6.71 19.43 20.23
CA HIS A 31 7.10 20.82 20.50
C HIS A 31 6.50 21.36 21.82
N ASP A 32 5.17 21.19 22.00
CA ASP A 32 4.46 21.59 23.21
C ASP A 32 4.72 20.53 24.29
N VAL A 33 5.88 20.61 24.97
CA VAL A 33 6.34 19.60 25.94
C VAL A 33 6.71 20.11 27.36
N SER A 34 6.55 21.41 27.63
CA SER A 34 6.92 22.06 28.91
C SER A 34 6.33 21.46 30.19
N ALA A 35 5.03 21.07 30.15
CA ALA A 35 4.33 20.48 31.29
C ALA A 35 5.00 19.17 31.79
N MET A 36 5.69 18.44 30.88
CA MET A 36 6.39 17.16 31.17
C MET A 36 7.84 17.39 31.54
N ALA A 37 8.24 18.67 31.61
CA ALA A 37 9.60 19.08 31.94
C ALA A 37 9.62 19.68 33.36
N ARG A 38 8.68 19.30 34.21
CA ARG A 38 8.63 19.74 35.60
C ARG A 38 7.92 18.72 36.46
N ASP A 39 8.13 18.82 37.79
CA ASP A 39 7.54 17.90 38.75
C ASP A 39 7.29 18.64 40.06
N PHE A 40 6.75 17.91 41.06
CA PHE A 40 6.41 18.48 42.38
C PHE A 40 7.62 19.08 43.14
N GLY A 41 8.80 18.52 42.89
CA GLY A 41 10.06 18.98 43.48
C GLY A 41 10.34 20.44 43.14
N ASN A 42 9.90 20.87 41.93
CA ASN A 42 10.05 22.24 41.40
C ASN A 42 11.48 22.77 41.44
N GLN A 43 12.43 21.90 41.07
CA GLN A 43 13.87 22.20 41.05
C GLN A 43 14.47 21.77 39.72
N CYS A 44 14.11 20.57 39.20
CA CYS A 44 14.66 20.05 37.95
C CYS A 44 13.70 20.24 36.79
N SER A 45 14.27 20.59 35.64
CA SER A 45 13.54 20.78 34.39
C SER A 45 14.35 20.24 33.21
N PHE A 46 13.88 19.11 32.64
CA PHE A 46 14.50 18.43 31.51
C PHE A 46 13.50 18.33 30.37
N LEU A 47 13.72 19.12 29.31
CA LEU A 47 12.82 19.09 28.15
C LEU A 47 12.93 17.79 27.40
N PRO A 48 11.80 17.07 27.24
CA PRO A 48 11.86 15.85 26.44
C PRO A 48 11.81 16.21 24.94
N ALA A 49 12.19 15.28 24.08
CA ALA A 49 12.10 15.46 22.63
C ALA A 49 10.64 15.22 22.18
N ALA A 50 9.90 14.33 22.89
CA ALA A 50 8.50 14.03 22.55
C ALA A 50 7.67 13.61 23.75
N VAL A 51 6.36 13.78 23.64
CA VAL A 51 5.40 13.39 24.66
C VAL A 51 4.39 12.49 24.00
N LEU A 52 4.32 11.22 24.44
CA LEU A 52 3.31 10.30 23.96
C LEU A 52 2.02 10.47 24.82
N HIS A 53 0.90 10.67 24.15
CA HIS A 53 -0.43 10.71 24.78
C HIS A 53 -1.02 9.36 24.32
N PRO A 54 -0.78 8.24 25.05
CA PRO A 54 -1.23 6.92 24.52
C PRO A 54 -2.73 6.75 24.49
N GLY A 55 -3.20 6.11 23.43
CA GLY A 55 -4.62 5.81 23.25
C GLY A 55 -4.90 4.38 23.65
N SER A 56 -3.85 3.62 23.99
CA SER A 56 -3.94 2.20 24.36
C SER A 56 -2.60 1.73 24.87
N VAL A 57 -2.55 0.54 25.49
CA VAL A 57 -1.28 -0.03 25.93
C VAL A 57 -0.40 -0.41 24.72
N SER A 58 -1.06 -0.72 23.58
CA SER A 58 -0.40 -1.04 22.31
C SER A 58 0.48 0.12 21.85
N ASP A 59 0.01 1.39 22.03
CA ASP A 59 0.79 2.61 21.73
C ASP A 59 2.09 2.64 22.51
N ILE A 60 2.04 2.25 23.80
CA ILE A 60 3.19 2.26 24.70
C ILE A 60 4.20 1.20 24.26
N ALA A 61 3.70 -0.01 24.01
CA ALA A 61 4.46 -1.16 23.53
C ALA A 61 5.14 -0.84 22.18
N ALA A 62 4.40 -0.22 21.25
CA ALA A 62 4.94 0.16 19.92
C ALA A 62 6.04 1.20 20.02
N THR A 63 5.88 2.18 20.93
CA THR A 63 6.86 3.23 21.16
C THR A 63 8.13 2.60 21.73
N VAL A 64 7.99 1.77 22.81
CA VAL A 64 9.12 1.09 23.45
C VAL A 64 9.85 0.15 22.45
N ARG A 65 9.09 -0.66 21.69
CA ARG A 65 9.66 -1.58 20.68
C ARG A 65 10.52 -0.81 19.67
N HIS A 66 10.02 0.34 19.20
CA HIS A 66 10.71 1.19 18.25
C HIS A 66 12.04 1.69 18.79
N VAL A 67 12.04 2.28 20.01
CA VAL A 67 13.25 2.79 20.65
C VAL A 67 14.27 1.63 20.82
N PHE A 68 13.79 0.44 21.26
CA PHE A 68 14.60 -0.75 21.47
C PHE A 68 15.22 -1.21 20.15
N SER A 69 14.42 -1.19 19.04
CA SER A 69 14.85 -1.54 17.67
C SER A 69 16.02 -0.67 17.16
N LEU A 70 16.23 0.52 17.75
CA LEU A 70 17.34 1.43 17.39
C LEU A 70 18.70 1.00 17.97
N GLY A 71 18.67 0.11 18.96
CA GLY A 71 19.86 -0.43 19.61
C GLY A 71 20.67 0.59 20.37
N GLU A 72 21.93 0.23 20.67
CA GLU A 72 22.87 1.05 21.43
C GLU A 72 23.31 2.38 20.81
N GLY A 73 23.04 2.56 19.51
CA GLY A 73 23.38 3.78 18.78
C GLY A 73 22.35 4.91 18.84
N SER A 74 21.46 4.89 19.86
CA SER A 74 20.43 5.92 20.03
C SER A 74 20.42 6.47 21.46
N PRO A 75 20.38 7.80 21.65
CA PRO A 75 20.31 8.33 23.03
C PRO A 75 18.86 8.38 23.56
N LEU A 76 17.85 7.96 22.75
CA LEU A 76 16.45 8.01 23.13
C LEU A 76 16.12 7.16 24.34
N THR A 77 15.42 7.78 25.30
CA THR A 77 14.95 7.14 26.53
C THR A 77 13.44 7.30 26.66
N VAL A 78 12.80 6.49 27.52
CA VAL A 78 11.35 6.54 27.74
C VAL A 78 11.10 6.68 29.25
N ALA A 79 10.32 7.69 29.66
CA ALA A 79 9.92 7.86 31.06
C ALA A 79 8.41 7.88 31.13
N ALA A 80 7.84 6.99 31.96
CA ALA A 80 6.41 6.98 32.22
C ALA A 80 6.17 8.11 33.23
N ARG A 81 5.18 8.95 32.98
CA ARG A 81 4.86 9.95 33.97
C ARG A 81 3.51 9.61 34.59
N GLY A 82 3.47 9.58 35.91
CA GLY A 82 2.21 9.39 36.63
C GLY A 82 1.63 10.77 36.88
N HIS A 83 1.54 11.19 38.17
CA HIS A 83 1.07 12.51 38.54
C HIS A 83 2.25 13.51 38.70
N GLY A 84 3.47 13.07 38.44
CA GLY A 84 4.65 13.90 38.55
C GLY A 84 4.97 14.35 39.96
N HIS A 85 4.74 13.49 40.95
CA HIS A 85 5.05 13.80 42.34
C HIS A 85 6.51 13.52 42.75
N SER A 86 7.30 13.01 41.81
CA SER A 86 8.75 12.81 41.95
C SER A 86 9.35 14.21 42.26
N LEU A 87 10.44 14.23 43.03
CA LEU A 87 11.02 15.47 43.50
C LEU A 87 12.29 15.93 42.77
N MET A 88 12.96 15.04 42.04
CA MET A 88 14.24 15.38 41.39
C MET A 88 14.37 14.79 40.01
N GLY A 89 13.39 15.07 39.15
CA GLY A 89 13.40 14.63 37.76
C GLY A 89 13.23 13.14 37.49
N GLN A 90 12.79 12.31 38.48
CA GLN A 90 12.61 10.85 38.26
C GLN A 90 11.58 10.44 37.18
N SER A 91 10.59 11.31 36.88
CA SER A 91 9.56 11.09 35.85
C SER A 91 9.78 11.93 34.57
N GLN A 92 11.00 12.46 34.42
CA GLN A 92 11.36 13.28 33.25
C GLN A 92 12.40 12.54 32.39
N ALA A 93 12.52 12.95 31.13
CA ALA A 93 13.48 12.33 30.21
C ALA A 93 14.10 13.41 29.31
N ALA A 94 15.30 13.89 29.67
CA ALA A 94 16.06 14.90 28.90
C ALA A 94 16.22 14.36 27.47
N GLN A 95 15.64 15.09 26.49
CA GLN A 95 15.64 14.75 25.06
C GLN A 95 15.14 13.32 24.75
N GLY A 96 14.20 12.83 25.58
CA GLY A 96 13.62 11.51 25.41
C GLY A 96 12.14 11.57 25.17
N ILE A 97 11.45 10.47 25.48
CA ILE A 97 10.01 10.38 25.30
C ILE A 97 9.34 10.23 26.65
N VAL A 98 8.46 11.18 27.00
CA VAL A 98 7.65 11.08 28.22
C VAL A 98 6.30 10.48 27.84
N VAL A 99 5.89 9.42 28.56
CA VAL A 99 4.60 8.77 28.34
C VAL A 99 3.63 9.30 29.39
N ARG A 100 2.59 10.01 28.95
CA ARG A 100 1.59 10.58 29.84
C ARG A 100 0.62 9.47 30.27
N MET A 101 0.91 8.78 31.40
CA MET A 101 0.09 7.64 31.87
C MET A 101 -1.36 7.98 32.20
N GLU A 102 -1.60 9.23 32.61
CA GLU A 102 -2.95 9.69 32.89
C GLU A 102 -3.85 9.77 31.66
N SER A 103 -3.29 9.73 30.42
CA SER A 103 -4.08 9.65 29.17
C SER A 103 -4.85 8.32 29.09
N LEU A 104 -4.43 7.30 29.86
CA LEU A 104 -5.08 5.99 29.92
C LEU A 104 -5.92 5.75 31.20
N ARG A 105 -6.10 6.77 32.08
CA ARG A 105 -6.86 6.69 33.34
C ARG A 105 -8.22 6.01 33.23
N GLY A 106 -9.08 6.49 32.32
CA GLY A 106 -10.43 5.98 32.07
C GLY A 106 -11.01 4.96 33.04
N ALA A 107 -11.34 3.72 32.60
CA ALA A 107 -11.23 3.00 31.30
C ALA A 107 -10.39 1.79 31.59
N ARG A 108 -11.08 0.65 31.86
CA ARG A 108 -10.53 -0.65 32.23
C ARG A 108 -10.40 -0.77 33.78
N LEU A 109 -11.34 -0.12 34.53
CA LEU A 109 -11.43 -0.13 36.00
C LEU A 109 -12.57 -1.09 36.45
N GLN A 110 -12.20 -2.32 36.85
CA GLN A 110 -13.15 -3.38 37.20
C GLN A 110 -13.03 -3.85 38.66
N VAL A 111 -14.16 -3.90 39.39
CA VAL A 111 -14.21 -4.39 40.77
C VAL A 111 -14.83 -5.82 40.71
N HIS A 112 -14.11 -6.83 41.21
CA HIS A 112 -14.66 -8.21 41.22
C HIS A 112 -13.93 -9.03 42.26
N ASP A 113 -14.66 -9.95 42.92
CA ASP A 113 -14.08 -10.93 43.84
C ASP A 113 -13.27 -10.32 45.00
N GLY A 114 -13.61 -9.11 45.42
CA GLY A 114 -12.88 -8.44 46.50
C GLY A 114 -11.58 -7.82 46.02
N PHE A 115 -11.48 -7.56 44.70
CA PHE A 115 -10.30 -6.95 44.06
C PHE A 115 -10.74 -5.85 43.11
N VAL A 116 -9.83 -4.90 42.83
CA VAL A 116 -10.07 -3.87 41.81
C VAL A 116 -8.92 -3.94 40.79
N ASP A 117 -9.25 -3.99 39.49
CA ASP A 117 -8.25 -3.93 38.43
C ASP A 117 -8.23 -2.45 37.99
N ALA A 118 -7.09 -1.82 38.12
CA ALA A 118 -6.94 -0.39 37.87
C ALA A 118 -5.84 -0.08 36.88
N PRO A 119 -6.07 0.87 35.94
CA PRO A 119 -5.00 1.30 35.05
C PRO A 119 -3.84 1.88 35.87
N GLY A 120 -2.61 1.72 35.38
CA GLY A 120 -1.42 2.25 36.05
C GLY A 120 -1.41 3.77 36.28
N GLY A 121 -2.03 4.49 35.33
CA GLY A 121 -2.18 5.95 35.35
C GLY A 121 -3.37 6.46 36.14
N GLU A 122 -4.11 5.55 36.78
CA GLU A 122 -5.29 5.90 37.58
C GLU A 122 -4.83 6.47 38.91
N LEU A 123 -5.49 7.52 39.41
CA LEU A 123 -5.15 8.08 40.72
C LEU A 123 -5.82 7.24 41.80
N TRP A 124 -5.16 7.10 42.96
CA TRP A 124 -5.74 6.34 44.07
C TRP A 124 -7.09 6.89 44.53
N ILE A 125 -7.27 8.23 44.50
CA ILE A 125 -8.56 8.86 44.89
C ILE A 125 -9.71 8.31 44.04
N ASN A 126 -9.45 8.15 42.74
CA ASN A 126 -10.43 7.63 41.80
C ASN A 126 -10.69 6.15 41.97
N VAL A 127 -9.65 5.38 42.36
CA VAL A 127 -9.78 3.96 42.66
C VAL A 127 -10.72 3.86 43.87
N LEU A 128 -10.48 4.66 44.91
CA LEU A 128 -11.31 4.67 46.12
C LEU A 128 -12.78 5.05 45.84
N ARG A 129 -13.00 6.12 45.03
CA ARG A 129 -14.38 6.57 44.73
C ARG A 129 -15.21 5.48 44.06
N GLU A 130 -14.59 4.68 43.19
CA GLU A 130 -15.27 3.58 42.51
C GLU A 130 -15.57 2.42 43.47
N THR A 131 -14.54 2.02 44.17
CA THR A 131 -14.51 0.91 45.10
C THR A 131 -15.58 1.11 46.23
N LEU A 132 -15.72 2.35 46.77
CA LEU A 132 -16.72 2.70 47.80
C LEU A 132 -18.17 2.45 47.37
N LYS A 133 -18.46 2.46 46.06
CA LYS A 133 -19.80 2.22 45.50
C LYS A 133 -20.23 0.78 45.74
N HIS A 134 -19.24 -0.11 45.97
CA HIS A 134 -19.42 -1.53 46.29
C HIS A 134 -19.20 -1.78 47.79
N GLY A 135 -19.01 -0.72 48.58
CA GLY A 135 -18.75 -0.88 50.01
C GLY A 135 -17.38 -1.44 50.32
N LEU A 136 -16.44 -1.30 49.37
CA LEU A 136 -15.07 -1.82 49.48
C LEU A 136 -14.03 -0.72 49.34
N ALA A 137 -12.79 -1.02 49.69
CA ALA A 137 -11.68 -0.11 49.56
C ALA A 137 -10.37 -0.84 49.73
N PRO A 138 -9.29 -0.32 49.09
CA PRO A 138 -7.93 -0.85 49.37
C PRO A 138 -7.62 -0.77 50.88
N LYS A 139 -6.67 -1.59 51.35
CA LYS A 139 -6.31 -1.74 52.76
C LYS A 139 -5.17 -0.86 53.19
N SER A 140 -4.29 -0.54 52.23
CA SER A 140 -3.03 0.16 52.47
C SER A 140 -2.93 1.37 51.56
N TRP A 141 -2.55 2.50 52.15
CA TRP A 141 -2.57 3.80 51.47
C TRP A 141 -1.27 4.56 51.47
N THR A 142 -1.30 5.74 50.86
CA THR A 142 -0.28 6.78 50.94
C THR A 142 -1.04 7.89 51.69
N ASP A 143 -0.33 8.88 52.28
CA ASP A 143 -1.04 9.97 52.99
C ASP A 143 -1.83 10.86 52.03
N TYR A 144 -1.39 10.92 50.77
CA TYR A 144 -1.99 11.75 49.74
C TYR A 144 -2.50 10.83 48.63
N LEU A 145 -3.78 10.97 48.25
CA LEU A 145 -4.42 10.09 47.25
C LEU A 145 -4.32 10.51 45.81
N HIS A 146 -3.89 11.75 45.51
CA HIS A 146 -3.80 12.21 44.11
C HIS A 146 -2.44 11.83 43.53
N LEU A 147 -2.18 10.50 43.53
CA LEU A 147 -0.94 9.86 43.05
C LEU A 147 -1.38 8.65 42.24
N THR A 148 -0.60 8.27 41.23
CA THR A 148 -1.02 7.12 40.41
C THR A 148 -0.74 5.80 41.04
N VAL A 149 -1.49 4.79 40.63
CA VAL A 149 -1.29 3.40 41.04
C VAL A 149 0.16 2.94 40.65
N GLY A 150 0.57 3.14 39.39
CA GLY A 150 1.90 2.78 38.89
C GLY A 150 3.05 3.52 39.56
N GLY A 151 2.84 4.81 39.86
CA GLY A 151 3.82 5.65 40.54
C GLY A 151 4.11 5.20 41.98
N THR A 152 3.05 4.94 42.78
CA THR A 152 3.26 4.54 44.19
C THR A 152 3.80 3.11 44.28
N LEU A 153 3.33 2.19 43.37
CA LEU A 153 3.84 0.80 43.37
C LEU A 153 5.30 0.72 42.90
N SER A 154 5.75 1.72 42.11
CA SER A 154 7.16 1.76 41.67
C SER A 154 8.05 2.18 42.84
N ASN A 155 7.43 2.66 43.92
CA ASN A 155 8.16 3.06 45.12
C ASN A 155 7.93 2.06 46.26
N ALA A 156 6.76 2.10 46.87
CA ALA A 156 6.34 1.16 47.92
C ALA A 156 4.94 1.52 48.30
N GLY A 157 4.70 2.80 48.63
CA GLY A 157 3.40 3.32 49.05
C GLY A 157 3.16 3.05 50.51
N VAL A 158 3.59 3.97 51.37
CA VAL A 158 3.53 3.78 52.82
C VAL A 158 2.70 4.86 53.50
N SER A 159 1.86 4.45 54.44
CA SER A 159 1.03 5.28 55.30
C SER A 159 0.77 4.55 56.64
N GLY A 160 -0.17 5.06 57.43
CA GLY A 160 -0.51 4.56 58.75
C GLY A 160 -1.07 3.15 58.84
N GLN A 161 -1.34 2.50 57.70
CA GLN A 161 -1.86 1.12 57.66
C GLN A 161 -0.77 0.08 57.40
N ALA A 162 0.42 0.52 56.93
CA ALA A 162 1.52 -0.38 56.57
C ALA A 162 1.95 -1.34 57.70
N PHE A 163 1.87 -0.89 58.98
CA PHE A 163 2.27 -1.70 60.14
C PHE A 163 1.48 -3.03 60.14
N ARG A 164 0.23 -3.00 59.63
CA ARG A 164 -0.69 -4.13 59.62
C ARG A 164 -0.80 -4.84 58.27
N HIS A 165 -1.00 -4.08 57.17
CA HIS A 165 -1.20 -4.68 55.86
C HIS A 165 0.04 -4.68 54.98
N GLY A 166 1.11 -4.09 55.46
CA GLY A 166 2.30 -3.86 54.65
C GLY A 166 2.07 -2.65 53.75
N PRO A 167 3.09 -2.22 53.01
CA PRO A 167 2.90 -1.09 52.09
C PRO A 167 2.03 -1.50 50.89
N GLN A 168 1.70 -0.56 49.98
CA GLN A 168 0.82 -0.89 48.84
C GLN A 168 1.33 -2.02 47.96
N VAL A 169 2.62 -2.14 47.89
CA VAL A 169 3.39 -3.14 47.19
C VAL A 169 3.15 -4.58 47.81
N SER A 170 2.65 -4.65 49.07
CA SER A 170 2.29 -5.94 49.71
C SER A 170 0.82 -6.29 49.46
N ASN A 171 0.08 -5.42 48.77
CA ASN A 171 -1.36 -5.58 48.56
C ASN A 171 -1.77 -5.50 47.09
N VAL A 172 -0.91 -6.04 46.22
CA VAL A 172 -1.12 -6.12 44.79
C VAL A 172 -0.96 -7.61 44.35
N ASN A 173 -1.84 -8.08 43.47
CA ASN A 173 -1.92 -9.49 43.12
C ASN A 173 -1.53 -9.82 41.74
N GLN A 174 -1.55 -8.81 40.86
CA GLN A 174 -1.24 -8.96 39.46
C GLN A 174 -0.87 -7.61 38.88
N LEU A 175 0.05 -7.62 37.91
CA LEU A 175 0.49 -6.42 37.16
C LEU A 175 0.51 -6.75 35.69
N GLU A 176 0.11 -5.77 34.85
CA GLU A 176 0.26 -5.84 33.39
C GLU A 176 1.36 -4.82 33.12
N ILE A 177 2.46 -5.27 32.52
CA ILE A 177 3.65 -4.45 32.30
C ILE A 177 4.08 -4.48 30.84
N VAL A 178 4.58 -3.31 30.37
CA VAL A 178 5.27 -3.13 29.09
C VAL A 178 6.77 -3.06 29.49
N THR A 179 7.56 -4.13 29.21
CA THR A 179 9.00 -4.18 29.58
C THR A 179 9.84 -3.25 28.69
N GLY A 180 11.13 -3.09 29.01
CA GLY A 180 12.05 -2.29 28.20
C GLY A 180 12.36 -2.87 26.84
N ARG A 181 11.79 -4.05 26.53
CA ARG A 181 11.94 -4.71 25.23
C ARG A 181 10.68 -4.47 24.39
N GLY A 182 9.63 -3.92 25.02
CA GLY A 182 8.37 -3.63 24.36
C GLY A 182 7.40 -4.77 24.40
N ASP A 183 7.67 -5.77 25.24
CA ASP A 183 6.77 -6.90 25.40
C ASP A 183 5.72 -6.54 26.42
N VAL A 184 4.48 -6.98 26.18
CA VAL A 184 3.36 -6.78 27.10
C VAL A 184 3.22 -8.08 27.88
N VAL A 185 3.45 -8.02 29.19
CA VAL A 185 3.45 -9.18 30.09
C VAL A 185 2.45 -9.02 31.23
N THR A 186 1.63 -10.06 31.48
CA THR A 186 0.76 -10.13 32.66
C THR A 186 1.51 -11.03 33.64
N CYS A 187 1.76 -10.51 34.83
CA CYS A 187 2.53 -11.22 35.85
C CYS A 187 1.91 -11.14 37.23
N SER A 188 2.34 -12.07 38.12
CA SER A 188 1.81 -12.24 39.47
C SER A 188 2.81 -13.07 40.27
N PRO A 189 2.59 -13.35 41.57
CA PRO A 189 3.50 -14.28 42.27
C PRO A 189 3.53 -15.69 41.65
N GLU A 190 2.53 -16.04 40.82
CA GLU A 190 2.34 -17.38 40.21
C GLU A 190 2.79 -17.53 38.75
N ASP A 191 3.03 -16.42 38.02
CA ASP A 191 3.39 -16.43 36.60
C ASP A 191 4.25 -15.21 36.30
N ASN A 192 5.45 -15.43 35.71
CA ASN A 192 6.45 -14.39 35.42
C ASN A 192 6.71 -13.64 36.72
N SER A 193 6.90 -14.40 37.83
CA SER A 193 7.02 -13.83 39.16
C SER A 193 8.22 -12.97 39.37
N ASP A 194 9.32 -13.23 38.66
CA ASP A 194 10.52 -12.43 38.82
C ASP A 194 10.26 -10.97 38.36
N LEU A 195 9.50 -10.79 37.25
CA LEU A 195 9.12 -9.48 36.71
C LEU A 195 8.16 -8.79 37.69
N PHE A 196 7.18 -9.55 38.21
CA PHE A 196 6.21 -9.07 39.18
C PHE A 196 6.90 -8.42 40.37
N TYR A 197 7.80 -9.18 41.06
CA TYR A 197 8.53 -8.72 42.24
C TYR A 197 9.52 -7.61 41.91
N ALA A 198 10.14 -7.67 40.72
CA ALA A 198 11.10 -6.66 40.25
C ALA A 198 10.45 -5.28 40.17
N ALA A 199 9.25 -5.21 39.57
CA ALA A 199 8.49 -3.97 39.34
C ALA A 199 8.07 -3.28 40.64
N LEU A 200 7.79 -4.05 41.69
CA LEU A 200 7.39 -3.57 43.01
C LEU A 200 8.58 -2.94 43.68
N GLY A 201 8.52 -1.60 43.86
CA GLY A 201 9.64 -0.79 44.35
C GLY A 201 10.76 -0.65 43.32
N GLY A 202 10.47 -1.07 42.08
CA GLY A 202 11.41 -1.10 40.96
C GLY A 202 11.85 0.21 40.34
N LEU A 203 11.26 1.36 40.79
CA LEU A 203 11.61 2.71 40.32
C LEU A 203 11.49 2.89 38.80
N GLY A 204 10.52 2.20 38.19
CA GLY A 204 10.27 2.20 36.75
C GLY A 204 11.34 1.55 35.89
N GLN A 205 12.32 0.86 36.53
CA GLN A 205 13.47 0.28 35.84
C GLN A 205 13.25 -0.88 34.91
N PHE A 206 12.17 -1.66 35.11
CA PHE A 206 11.96 -2.89 34.37
C PHE A 206 10.78 -2.89 33.44
N GLY A 207 10.00 -1.82 33.46
CA GLY A 207 8.84 -1.71 32.61
C GLY A 207 7.82 -0.72 33.08
N ILE A 208 6.80 -0.48 32.25
CA ILE A 208 5.74 0.43 32.58
C ILE A 208 4.54 -0.39 33.02
N ILE A 209 4.07 -0.17 34.26
CA ILE A 209 2.86 -0.81 34.80
C ILE A 209 1.65 -0.10 34.15
N THR A 210 0.94 -0.83 33.28
CA THR A 210 -0.25 -0.34 32.60
C THR A 210 -1.53 -0.75 33.35
N ARG A 211 -1.47 -1.78 34.21
CA ARG A 211 -2.66 -2.23 34.99
C ARG A 211 -2.24 -2.99 36.25
N ALA A 212 -2.99 -2.83 37.33
CA ALA A 212 -2.70 -3.49 38.61
C ALA A 212 -3.98 -4.00 39.25
N ARG A 213 -3.91 -5.20 39.86
CA ARG A 213 -5.01 -5.82 40.61
C ARG A 213 -4.69 -5.56 42.08
N ILE A 214 -5.54 -4.76 42.72
CA ILE A 214 -5.38 -4.32 44.12
C ILE A 214 -6.39 -5.05 45.00
N ALA A 215 -5.92 -5.63 46.15
CA ALA A 215 -6.76 -6.33 47.12
C ALA A 215 -7.69 -5.34 47.86
N LEU A 216 -8.93 -5.74 48.12
CA LEU A 216 -9.88 -4.86 48.81
C LEU A 216 -10.38 -5.47 50.12
N GLU A 217 -10.97 -4.63 50.96
CA GLU A 217 -11.56 -5.08 52.20
C GLU A 217 -12.88 -4.30 52.38
N PRO A 218 -13.84 -4.75 53.23
CA PRO A 218 -15.08 -3.97 53.41
C PRO A 218 -14.72 -2.60 54.01
N ALA A 219 -15.28 -1.54 53.45
CA ALA A 219 -14.98 -0.18 53.93
C ALA A 219 -15.88 0.24 55.10
N PRO A 220 -15.32 0.91 56.13
CA PRO A 220 -16.18 1.43 57.19
C PRO A 220 -16.87 2.70 56.67
N GLU A 221 -17.95 3.12 57.33
CA GLU A 221 -18.57 4.37 56.89
C GLU A 221 -17.92 5.58 57.53
N MET A 222 -17.29 5.39 58.71
CA MET A 222 -16.71 6.45 59.52
C MET A 222 -15.37 6.07 60.12
N VAL A 223 -14.70 7.09 60.65
CA VAL A 223 -13.44 6.97 61.35
C VAL A 223 -13.48 7.90 62.59
N ARG A 224 -12.99 7.42 63.75
CA ARG A 224 -12.76 8.29 64.88
C ARG A 224 -11.29 8.67 64.70
N TRP A 225 -11.03 9.94 64.41
CA TRP A 225 -9.70 10.48 64.14
C TRP A 225 -9.16 11.17 65.41
N ILE A 226 -8.07 10.63 65.96
CA ILE A 226 -7.47 11.06 67.23
C ILE A 226 -6.07 11.64 67.08
N ARG A 227 -5.79 12.70 67.86
CA ARG A 227 -4.47 13.31 67.97
C ARG A 227 -4.19 13.60 69.45
N VAL A 228 -2.97 13.26 69.92
CA VAL A 228 -2.50 13.45 71.29
C VAL A 228 -1.03 13.88 71.23
N LEU A 229 -0.53 14.55 72.29
CA LEU A 229 0.85 14.97 72.35
C LEU A 229 1.61 14.26 73.46
N TYR A 230 2.93 14.09 73.27
CA TYR A 230 3.91 13.52 74.20
C TYR A 230 5.06 14.54 74.32
N SER A 231 5.73 14.58 75.50
CA SER A 231 6.90 15.43 75.74
C SER A 231 8.15 14.58 75.68
N ASP A 232 8.01 13.27 75.91
CA ASP A 232 9.12 12.33 75.92
C ASP A 232 9.13 11.45 74.67
N PHE A 233 10.25 11.48 73.91
CA PHE A 233 10.45 10.70 72.70
C PHE A 233 10.42 9.22 72.98
N GLU A 234 11.10 8.79 74.07
CA GLU A 234 11.17 7.40 74.48
C GLU A 234 9.76 6.81 74.68
N SER A 235 8.91 7.51 75.43
CA SER A 235 7.53 7.09 75.70
C SER A 235 6.68 7.13 74.42
N PHE A 236 6.88 8.17 73.60
CA PHE A 236 6.18 8.36 72.32
C PHE A 236 6.37 7.14 71.41
N THR A 237 7.64 6.77 71.15
CA THR A 237 8.06 5.64 70.31
C THR A 237 7.72 4.30 70.92
N GLU A 238 7.85 4.15 72.26
CA GLU A 238 7.48 2.89 72.92
C GLU A 238 5.98 2.66 72.73
N ASP A 239 5.16 3.71 72.86
CA ASP A 239 3.70 3.59 72.66
C ASP A 239 3.34 3.22 71.20
N GLN A 240 4.03 3.83 70.23
CA GLN A 240 3.85 3.50 68.80
C GLN A 240 4.18 2.03 68.54
N GLU A 241 5.35 1.55 69.03
CA GLU A 241 5.78 0.15 68.89
C GLU A 241 4.80 -0.81 69.53
N MET A 242 4.27 -0.46 70.73
CA MET A 242 3.27 -1.31 71.35
C MET A 242 1.98 -1.36 70.49
N LEU A 243 1.54 -0.22 69.94
CA LEU A 243 0.35 -0.18 69.09
C LEU A 243 0.51 -0.97 67.78
N ILE A 244 1.72 -1.00 67.21
CA ILE A 244 1.94 -1.70 65.93
C ILE A 244 2.10 -3.24 66.11
N MET A 245 2.20 -3.71 67.37
CA MET A 245 2.38 -5.12 67.70
C MET A 245 1.13 -5.71 68.34
N ALA A 246 0.23 -4.84 68.84
CA ALA A 246 -1.00 -5.24 69.52
C ALA A 246 -2.06 -5.80 68.58
N GLU A 247 -2.94 -6.65 69.11
CA GLU A 247 -4.06 -7.26 68.38
C GLU A 247 -5.28 -6.35 68.55
N ASN A 248 -6.07 -6.16 67.47
CA ASN A 248 -7.27 -5.31 67.46
C ASN A 248 -6.97 -3.83 67.86
N SER A 249 -5.75 -3.38 67.52
CA SER A 249 -5.20 -2.04 67.75
C SER A 249 -5.94 -0.99 66.91
N PHE A 250 -5.34 0.19 66.70
CA PHE A 250 -5.92 1.23 65.85
C PHE A 250 -5.77 0.83 64.37
N ASP A 251 -6.53 1.47 63.50
CA ASP A 251 -6.50 1.14 62.06
C ASP A 251 -5.50 2.00 61.25
N TYR A 252 -4.95 3.02 61.89
CA TYR A 252 -3.98 3.92 61.31
C TYR A 252 -3.11 4.41 62.43
N ILE A 253 -1.79 4.31 62.29
CA ILE A 253 -0.83 4.80 63.30
C ILE A 253 0.28 5.59 62.62
N GLU A 254 0.32 6.90 62.93
CA GLU A 254 1.38 7.80 62.48
C GLU A 254 1.82 8.68 63.65
N GLY A 255 2.84 9.46 63.41
CA GLY A 255 3.40 10.39 64.37
C GLY A 255 4.11 11.55 63.69
N PHE A 256 4.16 12.66 64.39
CA PHE A 256 4.77 13.90 63.90
C PHE A 256 5.69 14.47 64.96
N VAL A 257 6.79 15.09 64.51
CA VAL A 257 7.77 15.75 65.36
C VAL A 257 7.54 17.26 65.22
N ILE A 258 7.16 17.91 66.32
CA ILE A 258 6.86 19.34 66.36
C ILE A 258 7.98 20.11 67.06
N ILE A 259 8.83 20.81 66.28
CA ILE A 259 9.97 21.59 66.80
C ILE A 259 9.63 23.07 66.92
N ASN A 260 9.72 23.59 68.16
CA ASN A 260 9.52 24.98 68.58
C ASN A 260 8.08 25.52 68.60
N ARG A 261 7.33 25.31 67.50
CA ARG A 261 5.95 25.78 67.26
C ARG A 261 5.00 25.90 68.47
N THR A 262 4.30 27.05 68.56
CA THR A 262 3.31 27.35 69.61
C THR A 262 1.91 27.52 69.03
N GLY A 263 0.90 27.20 69.85
CA GLY A 263 -0.50 27.27 69.47
C GLY A 263 -0.94 26.06 68.66
N ILE A 264 -0.27 24.91 68.86
CA ILE A 264 -0.55 23.63 68.18
C ILE A 264 -1.98 23.11 68.48
N LEU A 265 -2.42 23.19 69.75
CA LEU A 265 -3.76 22.75 70.15
C LEU A 265 -4.86 23.69 69.59
N ASN A 266 -4.52 24.98 69.37
CA ASN A 266 -5.40 26.00 68.80
C ASN A 266 -5.59 25.78 67.29
N ASN A 267 -4.55 25.24 66.60
CA ASN A 267 -4.59 24.89 65.18
C ASN A 267 -5.50 23.66 64.99
N TRP A 268 -5.45 22.70 65.95
CA TRP A 268 -6.26 21.48 65.97
C TRP A 268 -7.73 21.82 66.30
N ARG A 269 -7.98 22.86 67.14
CA ARG A 269 -9.30 23.33 67.58
C ARG A 269 -10.25 23.71 66.43
N ALA A 270 -9.69 24.08 65.26
CA ALA A 270 -10.42 24.44 64.05
C ALA A 270 -11.12 23.22 63.42
N SER A 271 -10.55 22.01 63.60
CA SER A 271 -11.08 20.76 63.03
C SER A 271 -11.46 19.69 64.07
N PHE A 272 -10.67 19.56 65.15
CA PHE A 272 -10.83 18.55 66.22
C PHE A 272 -11.47 19.08 67.50
N LYS A 273 -12.23 18.20 68.19
CA LYS A 273 -12.91 18.52 69.45
C LYS A 273 -11.99 18.20 70.65
N PRO A 274 -11.62 19.22 71.47
CA PRO A 274 -10.75 18.95 72.63
C PRO A 274 -11.45 18.16 73.75
N GLN A 275 -10.67 17.32 74.46
CA GLN A 275 -11.18 16.51 75.56
C GLN A 275 -10.19 16.57 76.76
N ASP A 276 -10.12 17.69 77.52
CA ASP A 276 -10.88 18.95 77.41
C ASP A 276 -9.87 20.15 77.38
N PRO A 277 -10.25 21.41 77.01
CA PRO A 277 -9.24 22.50 76.98
C PRO A 277 -8.52 22.77 78.31
N ARG A 288 10.88 23.88 72.88
CA ARG A 288 10.75 22.47 73.28
C ARG A 288 10.17 21.63 72.13
N VAL A 289 10.73 20.42 71.94
CA VAL A 289 10.30 19.45 70.93
C VAL A 289 9.11 18.64 71.47
N LEU A 290 7.95 18.70 70.78
CA LEU A 290 6.76 17.93 71.13
C LEU A 290 6.51 16.84 70.07
N TYR A 291 5.73 15.79 70.43
CA TYR A 291 5.47 14.68 69.54
C TYR A 291 4.01 14.38 69.47
N CYS A 292 3.48 14.35 68.24
CA CYS A 292 2.06 14.07 68.02
C CYS A 292 1.85 12.64 67.55
N LEU A 293 0.98 11.91 68.26
CA LEU A 293 0.60 10.54 67.88
C LEU A 293 -0.76 10.68 67.24
N GLU A 294 -0.88 10.23 65.98
CA GLU A 294 -2.15 10.32 65.23
C GLU A 294 -2.72 8.93 64.99
N LEU A 295 -3.97 8.74 65.36
CA LEU A 295 -4.62 7.44 65.34
C LEU A 295 -6.01 7.52 64.77
N THR A 296 -6.48 6.40 64.24
CA THR A 296 -7.86 6.29 63.83
C THR A 296 -8.42 4.97 64.27
N LYS A 297 -9.73 4.92 64.48
CA LYS A 297 -10.46 3.69 64.72
C LYS A 297 -11.64 3.72 63.73
N ASN A 298 -11.65 2.73 62.81
CA ASN A 298 -12.71 2.57 61.80
C ASN A 298 -14.01 2.07 62.43
N PHE A 299 -15.18 2.62 62.02
CA PHE A 299 -16.46 2.18 62.59
C PHE A 299 -17.65 2.47 61.69
N ASN A 300 -18.75 1.76 61.95
CA ASN A 300 -20.04 1.90 61.27
C ASN A 300 -21.05 2.53 62.23
N SER A 301 -21.94 3.41 61.71
CA SER A 301 -22.95 4.13 62.51
C SER A 301 -23.75 3.27 63.49
N GLY A 302 -24.10 2.06 63.09
CA GLY A 302 -24.85 1.13 63.93
C GLY A 302 -24.05 0.47 65.03
N ASP A 303 -22.72 0.71 65.08
CA ASP A 303 -21.83 0.10 66.06
C ASP A 303 -20.89 1.13 66.73
N THR A 304 -21.43 2.31 67.05
CA THR A 304 -20.68 3.43 67.68
C THR A 304 -20.25 3.13 69.14
N ASP A 305 -21.14 2.50 69.94
CA ASP A 305 -20.90 2.15 71.34
C ASP A 305 -19.77 1.14 71.50
N THR A 306 -19.67 0.14 70.61
CA THR A 306 -18.58 -0.86 70.61
C THR A 306 -17.24 -0.15 70.33
N MET A 307 -17.25 0.79 69.36
CA MET A 307 -16.06 1.56 69.00
C MET A 307 -15.61 2.43 70.18
N GLU A 308 -16.54 3.17 70.80
CA GLU A 308 -16.26 4.05 71.95
C GLU A 308 -15.58 3.31 73.10
N GLN A 309 -16.03 2.07 73.37
CA GLN A 309 -15.49 1.18 74.41
C GLN A 309 -14.10 0.68 74.04
N GLU A 310 -13.92 0.21 72.80
CA GLU A 310 -12.65 -0.29 72.29
C GLU A 310 -11.58 0.81 72.27
N VAL A 311 -11.98 2.04 71.93
CA VAL A 311 -11.06 3.19 71.89
C VAL A 311 -10.62 3.60 73.28
N ALA A 312 -11.57 3.64 74.25
CA ALA A 312 -11.32 3.95 75.67
C ALA A 312 -10.28 2.98 76.24
N VAL A 313 -10.43 1.68 75.97
CA VAL A 313 -9.49 0.64 76.39
C VAL A 313 -8.10 0.89 75.81
N LEU A 314 -8.00 1.03 74.46
CA LEU A 314 -6.73 1.26 73.77
C LEU A 314 -6.01 2.51 74.27
N LEU A 315 -6.72 3.63 74.43
CA LEU A 315 -6.12 4.88 74.93
C LEU A 315 -5.65 4.78 76.39
N SER A 316 -6.35 3.96 77.22
CA SER A 316 -6.04 3.77 78.66
C SER A 316 -4.63 3.19 78.88
N ARG A 317 -4.07 2.54 77.87
CA ARG A 317 -2.75 1.94 77.93
C ARG A 317 -1.64 2.89 77.45
N LEU A 318 -2.02 4.11 77.03
CA LEU A 318 -1.05 5.09 76.49
C LEU A 318 -0.66 6.16 77.50
N ARG A 319 0.52 6.74 77.26
CA ARG A 319 1.17 7.68 78.17
C ARG A 319 1.24 9.12 77.68
N PHE A 320 0.28 9.53 76.82
CA PHE A 320 0.23 10.90 76.30
C PHE A 320 -0.25 11.89 77.37
N ILE A 321 -0.03 13.18 77.14
CA ILE A 321 -0.50 14.28 77.99
C ILE A 321 -2.02 14.32 77.76
N GLN A 322 -2.78 13.96 78.79
CA GLN A 322 -4.25 13.85 78.80
C GLN A 322 -5.02 15.07 78.28
N SER A 323 -4.58 16.28 78.65
CA SER A 323 -5.22 17.54 78.26
C SER A 323 -5.09 17.83 76.75
N THR A 324 -4.17 17.12 76.05
CA THR A 324 -3.93 17.31 74.60
C THR A 324 -4.77 16.38 73.72
N LEU A 325 -5.64 15.54 74.32
CA LEU A 325 -6.49 14.63 73.58
C LEU A 325 -7.56 15.37 72.75
N PHE A 326 -7.44 15.28 71.42
CA PHE A 326 -8.39 15.87 70.46
C PHE A 326 -8.90 14.77 69.54
N HIS A 327 -10.20 14.78 69.25
CA HIS A 327 -10.80 13.81 68.34
C HIS A 327 -11.90 14.41 67.49
N THR A 328 -12.21 13.74 66.35
CA THR A 328 -13.29 14.13 65.43
C THR A 328 -13.82 12.89 64.71
N ASP A 329 -15.14 12.81 64.51
CA ASP A 329 -15.75 11.71 63.75
C ASP A 329 -16.04 12.19 62.32
N VAL A 330 -15.42 11.52 61.31
CA VAL A 330 -15.53 11.90 59.89
C VAL A 330 -15.83 10.65 59.06
N THR A 331 -16.18 10.81 57.76
CA THR A 331 -16.39 9.66 56.87
C THR A 331 -14.99 9.07 56.53
N TYR A 332 -14.94 7.81 56.09
CA TYR A 332 -13.70 7.16 55.69
C TYR A 332 -13.01 7.95 54.58
N LEU A 333 -13.79 8.41 53.58
CA LEU A 333 -13.31 9.22 52.46
C LEU A 333 -12.70 10.54 52.93
N GLU A 334 -13.40 11.25 53.82
CA GLU A 334 -12.90 12.53 54.36
C GLU A 334 -11.53 12.33 55.06
N PHE A 335 -11.37 11.22 55.84
CA PHE A 335 -10.08 10.97 56.49
C PHE A 335 -9.01 10.63 55.46
N LEU A 336 -9.28 9.68 54.55
CA LEU A 336 -8.31 9.25 53.55
C LEU A 336 -7.84 10.36 52.64
N ASP A 337 -8.76 11.27 52.26
CA ASP A 337 -8.44 12.40 51.39
C ASP A 337 -8.06 13.69 52.12
N ARG A 338 -7.77 13.62 53.44
CA ARG A 338 -7.46 14.79 54.29
C ARG A 338 -6.39 15.74 53.76
N VAL A 339 -5.31 15.21 53.15
CA VAL A 339 -4.21 16.02 52.60
C VAL A 339 -4.68 16.91 51.43
N HIS A 340 -5.75 16.50 50.69
CA HIS A 340 -6.30 17.32 49.60
C HIS A 340 -6.83 18.68 50.13
N THR A 341 -7.33 18.71 51.38
CA THR A 341 -7.77 19.95 52.04
C THR A 341 -6.56 20.87 52.21
N SER A 342 -5.40 20.34 52.67
CA SER A 342 -4.17 21.11 52.83
C SER A 342 -3.69 21.62 51.46
N GLU A 343 -3.81 20.76 50.40
CA GLU A 343 -3.46 21.13 49.01
C GLU A 343 -4.30 22.35 48.55
N LEU A 344 -5.62 22.34 48.81
CA LEU A 344 -6.46 23.45 48.40
C LEU A 344 -6.05 24.77 49.07
N LYS A 345 -5.71 24.73 50.37
CA LYS A 345 -5.25 25.89 51.14
C LYS A 345 -3.94 26.43 50.58
N LEU A 346 -2.97 25.52 50.28
CA LEU A 346 -1.68 25.89 49.69
C LEU A 346 -1.86 26.47 48.28
N ARG A 347 -2.77 25.89 47.48
CA ARG A 347 -3.03 26.38 46.12
C ARG A 347 -3.61 27.81 46.18
N ALA A 348 -4.49 28.08 47.16
CA ALA A 348 -5.09 29.39 47.36
C ALA A 348 -4.02 30.48 47.67
N GLN A 349 -2.94 30.09 48.37
CA GLN A 349 -1.85 30.98 48.77
C GLN A 349 -0.66 30.93 47.79
N SER A 350 -0.82 30.24 46.64
CA SER A 350 0.22 30.05 45.61
C SER A 350 1.46 29.35 46.21
N LEU A 351 1.22 28.47 47.22
CA LEU A 351 2.24 27.72 47.98
C LEU A 351 2.31 26.22 47.65
N TRP A 352 1.65 25.79 46.57
CA TRP A 352 1.66 24.38 46.18
C TRP A 352 2.80 24.08 45.24
N GLU A 353 3.01 24.93 44.24
CA GLU A 353 4.09 24.72 43.27
C GLU A 353 5.36 25.48 43.64
N VAL A 354 5.87 25.22 44.82
CA VAL A 354 7.12 25.81 45.30
C VAL A 354 8.15 24.65 45.37
N PRO A 355 9.49 24.91 45.45
CA PRO A 355 10.44 23.78 45.59
C PRO A 355 10.17 22.91 46.84
N HIS A 356 10.26 21.59 46.69
CA HIS A 356 10.03 20.66 47.82
C HIS A 356 11.30 19.83 48.08
N PRO A 357 12.30 20.39 48.80
CA PRO A 357 13.54 19.62 49.03
C PRO A 357 13.35 18.60 50.19
N TRP A 358 12.48 17.61 49.96
CA TRP A 358 12.17 16.62 51.00
C TRP A 358 13.32 15.67 51.29
N LEU A 359 13.35 15.15 52.54
CA LEU A 359 14.33 14.12 52.91
C LEU A 359 13.51 13.00 53.54
N ASN A 360 13.59 11.79 52.98
CA ASN A 360 12.80 10.65 53.46
C ASN A 360 13.69 9.49 53.84
N LEU A 361 13.72 9.19 55.12
CA LEU A 361 14.60 8.17 55.64
C LEU A 361 13.91 6.99 56.28
N LEU A 362 14.57 5.83 56.22
CA LEU A 362 14.16 4.61 56.90
C LEU A 362 15.24 4.35 57.96
N ILE A 363 14.87 4.44 59.24
CA ILE A 363 15.78 4.30 60.38
C ILE A 363 15.49 3.01 61.17
N PRO A 364 16.51 2.14 61.40
CA PRO A 364 16.26 0.93 62.23
C PRO A 364 15.92 1.33 63.66
N ARG A 365 15.08 0.53 64.33
CA ARG A 365 14.66 0.73 65.71
C ARG A 365 15.86 0.95 66.67
N SER A 366 16.94 0.17 66.51
CA SER A 366 18.11 0.27 67.38
C SER A 366 18.83 1.62 67.32
N SER A 367 18.66 2.38 66.22
CA SER A 367 19.31 3.69 66.04
C SER A 367 18.38 4.89 66.23
N ILE A 368 17.06 4.68 66.36
CA ILE A 368 16.06 5.75 66.44
C ILE A 368 16.30 6.84 67.50
N ARG A 369 16.68 6.44 68.73
CA ARG A 369 16.91 7.40 69.83
C ARG A 369 18.16 8.24 69.59
N ARG A 370 19.26 7.61 69.15
CA ARG A 370 20.53 8.27 68.81
C ARG A 370 20.27 9.25 67.64
N PHE A 371 19.42 8.84 66.67
CA PHE A 371 19.05 9.69 65.54
C PHE A 371 18.30 10.93 66.05
N ALA A 372 17.22 10.71 66.82
CA ALA A 372 16.39 11.79 67.35
C ALA A 372 17.13 12.81 68.22
N THR A 373 18.09 12.32 69.05
CA THR A 373 18.91 13.16 69.93
C THR A 373 19.70 14.17 69.13
N GLU A 374 20.45 13.71 68.14
CA GLU A 374 21.25 14.58 67.31
C GLU A 374 20.43 15.44 66.33
N VAL A 375 19.47 14.81 65.60
CA VAL A 375 18.68 15.52 64.59
C VAL A 375 17.72 16.56 65.16
N PHE A 376 16.87 16.17 66.11
CA PHE A 376 15.86 17.09 66.69
C PHE A 376 16.41 17.94 67.83
N GLY A 377 17.40 17.41 68.55
CA GLY A 377 18.00 18.11 69.67
C GLY A 377 19.09 19.10 69.28
N ARG A 378 19.82 18.82 68.20
CA ARG A 378 20.93 19.66 67.76
C ARG A 378 20.78 20.24 66.33
N ILE A 379 20.82 19.40 65.28
CA ILE A 379 20.73 19.84 63.87
C ILE A 379 19.54 20.78 63.52
N LEU A 380 18.34 20.49 64.05
CA LEU A 380 17.14 21.27 63.72
C LEU A 380 16.67 22.25 64.79
N LYS A 381 16.36 23.50 64.39
CA LYS A 381 15.92 24.60 65.26
C LYS A 381 14.41 24.86 65.25
N ASP A 382 13.76 24.57 64.10
CA ASP A 382 12.31 24.72 63.92
C ASP A 382 11.77 23.70 62.90
N SER A 383 10.44 23.51 62.87
CA SER A 383 9.74 22.63 61.93
C SER A 383 8.64 23.45 61.21
N ASN A 384 8.84 24.78 61.13
CA ASN A 384 7.89 25.75 60.55
C ASN A 384 7.68 25.63 59.03
N ASN A 385 8.69 25.16 58.28
CA ASN A 385 8.55 25.05 56.83
C ASN A 385 8.08 23.69 56.30
N GLY A 386 7.45 22.88 57.15
CA GLY A 386 6.93 21.56 56.78
C GLY A 386 6.84 20.57 57.92
N PRO A 387 5.95 19.56 57.81
CA PRO A 387 5.84 18.56 58.88
C PRO A 387 6.99 17.57 58.89
N ILE A 388 7.21 16.93 60.05
CA ILE A 388 8.21 15.87 60.18
C ILE A 388 7.44 14.61 60.62
N LEU A 389 7.28 13.68 59.69
CA LEU A 389 6.62 12.41 59.94
C LEU A 389 7.61 11.50 60.61
N LEU A 390 7.13 10.72 61.60
CA LEU A 390 7.93 9.74 62.32
C LEU A 390 7.03 8.62 62.87
N TYR A 391 7.19 7.42 62.34
CA TYR A 391 6.39 6.28 62.80
C TYR A 391 7.03 4.95 62.43
N PRO A 392 6.82 3.89 63.25
CA PRO A 392 7.41 2.59 62.92
C PRO A 392 6.46 1.66 62.15
N VAL A 393 7.07 0.71 61.45
CA VAL A 393 6.37 -0.33 60.68
C VAL A 393 6.99 -1.70 61.01
N ASN A 394 6.30 -2.79 60.66
CA ASN A 394 6.78 -4.16 60.88
C ASN A 394 7.35 -4.71 59.60
N LYS A 395 8.65 -5.07 59.61
CA LYS A 395 9.35 -5.65 58.46
C LYS A 395 8.68 -6.92 57.92
N SER A 396 7.98 -7.71 58.79
CA SER A 396 7.31 -8.95 58.38
C SER A 396 6.21 -8.75 57.32
N LYS A 397 5.73 -7.50 57.16
CA LYS A 397 4.66 -7.18 56.20
C LYS A 397 5.24 -6.84 54.84
N TRP A 398 6.59 -6.81 54.72
CA TRP A 398 7.27 -6.48 53.46
C TRP A 398 7.91 -7.71 52.86
N ASP A 399 7.56 -8.04 51.62
CA ASP A 399 8.11 -9.18 50.91
C ASP A 399 9.60 -8.97 50.58
N ASN A 400 10.47 -9.97 50.88
CA ASN A 400 11.91 -9.88 50.61
C ASN A 400 12.32 -10.08 49.13
N LYS A 401 11.37 -10.32 48.22
CA LYS A 401 11.67 -10.55 46.80
C LYS A 401 11.56 -9.30 45.92
N THR A 402 10.96 -8.21 46.46
CA THR A 402 10.78 -6.96 45.70
C THR A 402 12.09 -6.18 45.54
N SER A 403 12.03 -5.05 44.80
CA SER A 403 13.16 -4.12 44.61
C SER A 403 13.24 -3.07 45.73
N VAL A 404 12.36 -3.16 46.72
CA VAL A 404 12.33 -2.22 47.85
C VAL A 404 13.63 -2.34 48.66
N VAL A 405 14.15 -1.22 49.20
CA VAL A 405 15.36 -1.17 50.02
C VAL A 405 14.97 -0.72 51.42
N ILE A 406 15.11 -1.62 52.40
CA ILE A 406 14.71 -1.31 53.77
C ILE A 406 15.80 -1.70 54.77
N PRO A 407 15.82 -1.13 56.01
CA PRO A 407 16.81 -1.56 57.01
C PRO A 407 16.59 -3.03 57.40
N ASP A 408 17.64 -3.71 57.92
CA ASP A 408 17.51 -5.13 58.28
C ASP A 408 16.99 -5.50 59.69
N GLU A 409 16.23 -4.60 60.32
CA GLU A 409 15.61 -4.88 61.62
C GLU A 409 14.12 -5.16 61.49
N GLU A 410 13.56 -5.95 62.40
CA GLU A 410 12.13 -6.30 62.39
C GLU A 410 11.22 -5.07 62.51
N ILE A 411 11.70 -4.03 63.22
CA ILE A 411 11.00 -2.76 63.39
C ILE A 411 11.89 -1.64 62.86
N PHE A 412 11.35 -0.84 61.92
CA PHE A 412 12.10 0.32 61.43
C PHE A 412 11.14 1.49 61.31
N TYR A 413 11.68 2.70 61.29
CA TYR A 413 10.90 3.93 61.28
C TYR A 413 10.97 4.68 59.97
N LEU A 414 9.85 5.23 59.54
CA LEU A 414 9.85 6.12 58.39
C LEU A 414 9.98 7.52 59.02
N VAL A 415 10.96 8.30 58.56
CA VAL A 415 11.19 9.66 59.02
C VAL A 415 11.13 10.55 57.76
N GLY A 416 10.07 11.36 57.67
CA GLY A 416 9.84 12.23 56.53
C GLY A 416 9.93 13.70 56.85
N PHE A 417 10.98 14.36 56.33
CA PHE A 417 11.22 15.81 56.46
C PHE A 417 10.58 16.45 55.21
N LEU A 418 9.29 16.79 55.31
CA LEU A 418 8.47 17.26 54.18
C LEU A 418 8.46 18.79 54.06
N SER A 419 9.63 19.35 53.84
CA SER A 419 9.80 20.80 53.79
C SER A 419 9.48 21.43 52.47
N SER A 420 9.03 22.69 52.54
CA SER A 420 8.78 23.58 51.43
C SER A 420 9.91 24.63 51.48
N ALA A 421 10.22 25.23 50.33
CA ALA A 421 11.22 26.30 50.29
C ALA A 421 10.54 27.49 49.61
N PRO A 422 9.69 28.23 50.36
CA PRO A 422 8.94 29.33 49.72
C PRO A 422 9.77 30.61 49.49
N SER A 423 11.03 30.65 49.97
CA SER A 423 11.87 31.82 49.86
C SER A 423 13.07 31.65 48.94
N LEU A 424 13.50 32.76 48.31
CA LEU A 424 14.68 32.76 47.46
C LEU A 424 15.96 32.91 48.28
N SER A 425 15.83 33.39 49.53
CA SER A 425 16.97 33.59 50.41
C SER A 425 16.62 33.36 51.89
N GLY A 426 17.64 33.09 52.69
CA GLY A 426 17.48 32.94 54.14
C GLY A 426 16.93 31.61 54.62
N HIS A 427 16.03 31.67 55.60
CA HIS A 427 15.48 30.50 56.28
C HIS A 427 14.87 29.35 55.47
N GLY A 428 14.23 29.62 54.36
CA GLY A 428 13.74 28.49 53.58
C GLY A 428 13.18 28.82 52.22
N SER A 429 13.93 28.88 51.13
CA SER A 429 15.35 28.70 50.80
C SER A 429 15.81 27.28 50.58
N ILE A 430 16.01 26.93 49.30
CA ILE A 430 16.49 25.61 48.93
C ILE A 430 17.91 25.40 49.48
N ALA A 431 18.78 26.44 49.46
CA ALA A 431 20.14 26.32 49.97
C ALA A 431 20.18 25.93 51.44
N HIS A 432 19.32 26.54 52.28
CA HIS A 432 19.21 26.26 53.71
C HIS A 432 18.67 24.83 53.95
N ALA A 433 17.58 24.44 53.24
CA ALA A 433 17.00 23.11 53.36
C ALA A 433 18.02 22.04 52.95
N MET A 434 18.77 22.28 51.87
CA MET A 434 19.81 21.39 51.31
C MET A 434 21.00 21.21 52.28
N SER A 435 21.36 22.27 53.00
CA SER A 435 22.43 22.23 53.97
C SER A 435 21.99 21.38 55.15
N LEU A 436 20.75 21.60 55.66
CA LEU A 436 20.20 20.81 56.76
C LEU A 436 20.07 19.32 56.42
N ASN A 437 19.66 18.99 55.16
CA ASN A 437 19.53 17.62 54.67
C ASN A 437 20.90 16.92 54.60
N SER A 438 21.91 17.63 54.09
CA SER A 438 23.29 17.12 53.97
C SER A 438 23.83 16.80 55.36
N GLN A 439 23.57 17.68 56.35
CA GLN A 439 23.97 17.50 57.75
C GLN A 439 23.37 16.24 58.36
N ILE A 440 22.09 15.95 58.07
CA ILE A 440 21.39 14.76 58.59
C ILE A 440 22.00 13.50 57.98
N VAL A 441 22.15 13.47 56.66
CA VAL A 441 22.73 12.33 55.92
C VAL A 441 24.22 12.10 56.34
N GLU A 442 25.01 13.19 56.49
CA GLU A 442 26.41 13.12 56.94
C GLU A 442 26.46 12.55 58.35
N PHE A 443 25.53 12.96 59.24
CA PHE A 443 25.45 12.41 60.60
C PHE A 443 25.16 10.92 60.55
N CYS A 444 24.14 10.49 59.75
CA CYS A 444 23.75 9.07 59.61
C CYS A 444 24.94 8.20 59.22
N GLU A 445 25.77 8.71 58.31
CA GLU A 445 26.97 8.05 57.81
C GLU A 445 28.08 7.99 58.84
N GLU A 446 28.36 9.11 59.52
CA GLU A 446 29.42 9.23 60.54
C GLU A 446 29.09 8.43 61.81
N ALA A 447 27.81 8.35 62.18
CA ALA A 447 27.37 7.68 63.40
C ALA A 447 26.79 6.28 63.18
N ASP A 448 26.97 5.73 61.96
CA ASP A 448 26.56 4.39 61.52
C ASP A 448 25.14 3.99 61.99
N ILE A 449 24.16 4.87 61.66
CA ILE A 449 22.75 4.69 61.99
C ILE A 449 22.10 3.50 61.26
N GLY A 450 22.62 3.15 60.08
CA GLY A 450 22.08 2.06 59.26
C GLY A 450 20.87 2.50 58.46
N MET A 451 20.82 3.82 58.17
CA MET A 451 19.74 4.51 57.44
C MET A 451 19.71 4.08 55.97
N LYS A 452 18.49 3.99 55.38
CA LYS A 452 18.25 3.81 53.94
C LYS A 452 17.26 4.90 53.54
N GLN A 453 17.52 5.57 52.42
CA GLN A 453 16.62 6.62 51.96
C GLN A 453 15.43 6.00 51.21
N TYR A 454 14.26 6.62 51.36
CA TYR A 454 13.03 6.30 50.62
C TYR A 454 12.89 7.48 49.65
N LEU A 455 12.38 7.26 48.42
CA LEU A 455 12.26 8.25 47.34
C LEU A 455 13.64 8.91 47.09
N ALA A 456 14.67 8.06 46.98
CA ALA A 456 16.07 8.45 46.80
C ALA A 456 16.32 9.14 45.46
N HIS A 457 17.33 10.02 45.44
CA HIS A 457 17.71 10.78 44.25
C HIS A 457 19.24 10.79 44.03
N TYR A 458 19.85 9.61 44.05
CA TYR A 458 21.28 9.49 43.77
C TYR A 458 21.57 9.75 42.30
N THR A 459 22.72 10.35 42.01
CA THR A 459 23.13 10.77 40.67
C THR A 459 24.13 9.85 39.96
N THR A 460 24.80 8.96 40.72
CA THR A 460 25.78 8.02 40.17
C THR A 460 25.40 6.57 40.50
N GLN A 461 25.79 5.62 39.63
CA GLN A 461 25.52 4.18 39.82
C GLN A 461 26.25 3.67 41.05
N GLU A 462 27.43 4.25 41.39
CA GLU A 462 28.19 3.89 42.59
C GLU A 462 27.42 4.19 43.88
N GLN A 463 26.70 5.35 43.94
CA GLN A 463 25.86 5.69 45.10
C GLN A 463 24.68 4.72 45.20
N TRP A 464 24.09 4.33 44.04
CA TRP A 464 22.98 3.38 43.97
C TRP A 464 23.40 1.95 44.40
N LYS A 465 24.59 1.48 43.97
CA LYS A 465 25.14 0.15 44.36
C LYS A 465 25.21 0.01 45.90
N THR A 466 25.68 1.07 46.57
CA THR A 466 25.81 1.17 48.03
C THR A 466 24.43 1.19 48.70
N HIS A 467 23.45 1.89 48.09
CA HIS A 467 22.06 1.97 48.58
C HIS A 467 21.45 0.57 48.55
N PHE A 468 21.55 -0.09 47.39
CA PHE A 468 21.02 -1.43 47.22
C PHE A 468 21.76 -2.53 48.02
N GLY A 469 23.07 -2.32 48.23
CA GLY A 469 23.96 -3.23 48.96
C GLY A 469 23.91 -4.67 48.47
N ALA A 470 23.44 -5.57 49.33
CA ALA A 470 23.32 -7.00 49.04
C ALA A 470 22.24 -7.30 48.00
N ARG A 471 21.33 -6.34 47.78
CA ARG A 471 20.26 -6.49 46.80
C ARG A 471 20.63 -5.93 45.42
N TRP A 472 21.85 -5.33 45.28
CA TRP A 472 22.26 -4.75 44.01
C TRP A 472 22.32 -5.76 42.86
N GLU A 473 22.94 -6.93 43.10
CA GLU A 473 23.11 -7.98 42.09
C GLU A 473 21.76 -8.39 41.53
N THR A 474 20.76 -8.56 42.40
CA THR A 474 19.40 -8.90 41.98
C THR A 474 18.83 -7.78 41.09
N PHE A 475 18.97 -6.51 41.53
CA PHE A 475 18.46 -5.36 40.79
C PHE A 475 19.10 -5.28 39.41
N GLU A 476 20.44 -5.47 39.35
CA GLU A 476 21.19 -5.46 38.08
C GLU A 476 20.82 -6.62 37.18
N ARG A 477 20.61 -7.85 37.71
CA ARG A 477 20.22 -8.97 36.83
C ARG A 477 18.80 -8.79 36.25
N ARG A 478 17.88 -8.24 37.05
CA ARG A 478 16.50 -7.93 36.60
C ARG A 478 16.56 -6.86 35.50
N LYS A 479 17.45 -5.88 35.64
CA LYS A 479 17.65 -4.83 34.64
C LYS A 479 18.06 -5.39 33.27
N HIS A 480 19.05 -6.33 33.24
CA HIS A 480 19.44 -6.94 31.97
C HIS A 480 18.31 -7.77 31.37
N ARG A 481 17.55 -8.46 32.23
CA ARG A 481 16.41 -9.28 31.82
C ARG A 481 15.31 -8.43 31.18
N TYR A 482 14.91 -7.32 31.85
CA TYR A 482 13.75 -6.55 31.38
C TYR A 482 13.98 -5.26 30.66
N ASP A 483 15.11 -4.58 30.89
CA ASP A 483 15.41 -3.36 30.15
C ASP A 483 16.92 -3.34 29.80
N PRO A 484 17.38 -4.27 28.91
CA PRO A 484 18.83 -4.39 28.61
C PRO A 484 19.52 -3.15 28.07
N LEU A 485 18.77 -2.32 27.30
CA LEU A 485 19.33 -1.09 26.72
C LEU A 485 19.22 0.13 27.63
N ALA A 486 18.68 -0.03 28.87
CA ALA A 486 18.44 1.05 29.84
C ALA A 486 17.63 2.22 29.24
N ILE A 487 16.53 1.89 28.57
CA ILE A 487 15.62 2.85 27.95
C ILE A 487 14.75 3.54 29.02
N LEU A 488 14.37 2.79 30.07
CA LEU A 488 13.39 3.21 31.06
C LEU A 488 13.78 4.02 32.23
N ALA A 489 12.92 5.02 32.57
CA ALA A 489 13.04 5.89 33.74
C ALA A 489 14.48 6.39 33.96
N PRO A 490 15.06 7.11 32.96
CA PRO A 490 16.43 7.64 33.13
C PRO A 490 16.59 8.63 34.27
N GLY A 491 15.51 9.33 34.64
CA GLY A 491 15.53 10.29 35.75
C GLY A 491 15.94 9.67 37.08
N GLN A 492 15.83 8.32 37.20
CA GLN A 492 16.30 7.64 38.41
C GLN A 492 17.83 7.69 38.51
N ARG A 493 18.55 7.83 37.34
CA ARG A 493 20.02 7.93 37.25
C ARG A 493 20.76 6.69 37.80
N ILE A 494 20.19 5.50 37.58
CA ILE A 494 20.81 4.26 38.03
C ILE A 494 21.64 3.64 36.90
N PHE A 495 21.06 3.58 35.69
CA PHE A 495 21.70 2.99 34.52
C PHE A 495 21.65 3.97 33.36
N PRO A 496 22.80 4.55 32.93
CA PRO A 496 22.79 5.43 31.75
C PRO A 496 22.40 4.65 30.50
N LYS A 497 21.78 5.31 29.51
CA LYS A 497 21.37 4.66 28.25
C LYS A 497 22.49 3.78 27.65
N ALA A 498 22.14 2.50 27.35
CA ALA A 498 23.00 1.43 26.78
C ALA A 498 24.30 1.09 27.59
N SER A 499 24.32 1.36 28.93
CA SER A 499 25.50 1.16 29.81
C SER A 499 25.77 -0.25 30.35
N LEU A 500 24.75 -1.15 30.34
CA LEU A 500 24.84 -2.50 30.89
C LEU A 500 25.92 -3.40 30.28
N ASP B 14 6.55 -2.18 -86.03
CA ASP B 14 5.49 -1.93 -85.06
C ASP B 14 5.01 -3.23 -84.45
N MET B 15 5.02 -3.32 -83.10
CA MET B 15 4.54 -4.48 -82.33
C MET B 15 3.10 -4.22 -81.87
N LEU B 16 2.65 -2.95 -81.95
CA LEU B 16 1.32 -2.49 -81.57
C LEU B 16 0.27 -2.69 -82.66
N SER B 17 0.64 -2.51 -83.96
CA SER B 17 -0.25 -2.71 -85.10
C SER B 17 -0.81 -4.14 -85.17
N PRO B 18 -0.03 -5.24 -84.91
CA PRO B 18 -0.64 -6.58 -84.91
C PRO B 18 -1.69 -6.80 -83.82
N LEU B 19 -1.63 -6.04 -82.69
CA LEU B 19 -2.61 -6.09 -81.59
C LEU B 19 -3.92 -5.50 -82.11
N GLY B 20 -3.80 -4.41 -82.87
CA GLY B 20 -4.93 -3.72 -83.50
C GLY B 20 -5.64 -4.56 -84.52
N ALA B 21 -4.96 -5.62 -85.03
CA ALA B 21 -5.51 -6.57 -86.01
C ALA B 21 -6.30 -7.74 -85.37
N LEU B 22 -6.19 -7.95 -84.03
CA LEU B 22 -6.94 -9.00 -83.34
C LEU B 22 -8.44 -8.72 -83.39
N ARG B 23 -9.26 -9.73 -83.72
CA ARG B 23 -10.71 -9.60 -83.78
C ARG B 23 -11.25 -9.85 -82.37
N LEU B 24 -11.08 -8.87 -81.50
CA LEU B 24 -11.52 -8.93 -80.11
C LEU B 24 -13.03 -8.79 -79.97
N ASP B 25 -13.61 -9.30 -78.88
CA ASP B 25 -15.01 -9.07 -78.51
C ASP B 25 -15.11 -7.63 -77.97
N GLY B 26 -14.04 -7.18 -77.32
CA GLY B 26 -13.85 -5.82 -76.79
C GLY B 26 -12.98 -4.99 -77.72
N HIS B 27 -12.04 -4.21 -77.17
CA HIS B 27 -11.14 -3.39 -77.99
C HIS B 27 -9.92 -2.91 -77.17
N PHE B 28 -8.91 -2.40 -77.88
CA PHE B 28 -7.72 -1.76 -77.33
C PHE B 28 -7.83 -0.26 -77.48
N SER B 29 -7.32 0.48 -76.48
CA SER B 29 -7.08 1.93 -76.48
C SER B 29 -5.57 2.07 -76.57
N PHE B 30 -5.07 2.80 -77.58
CA PHE B 30 -3.62 2.99 -77.77
C PHE B 30 -3.17 4.43 -77.50
N HIS B 31 -4.12 5.34 -77.16
CA HIS B 31 -3.79 6.74 -76.90
C HIS B 31 -4.35 7.28 -75.58
N ASP B 32 -5.62 6.99 -75.26
CA ASP B 32 -6.25 7.41 -74.02
C ASP B 32 -5.98 6.36 -72.93
N VAL B 33 -4.78 6.44 -72.32
CA VAL B 33 -4.25 5.46 -71.35
C VAL B 33 -3.92 6.00 -69.95
N SER B 34 -4.05 7.31 -69.71
CA SER B 34 -3.70 8.01 -68.46
C SER B 34 -4.25 7.43 -67.15
N ALA B 35 -5.52 6.97 -67.18
CA ALA B 35 -6.21 6.39 -66.03
C ALA B 35 -5.58 5.06 -65.56
N MET B 36 -4.91 4.33 -66.48
CA MET B 36 -4.24 3.06 -66.18
C MET B 36 -2.78 3.30 -65.76
N ALA B 37 -2.38 4.58 -65.70
CA ALA B 37 -1.03 5.01 -65.35
C ALA B 37 -1.04 5.66 -63.97
N ARG B 38 -1.91 5.18 -63.09
CA ARG B 38 -2.01 5.68 -61.71
C ARG B 38 -2.70 4.67 -60.83
N ASP B 39 -2.44 4.75 -59.53
CA ASP B 39 -3.04 3.86 -58.55
C ASP B 39 -3.31 4.61 -57.24
N PHE B 40 -3.87 3.90 -56.25
CA PHE B 40 -4.21 4.48 -54.95
C PHE B 40 -3.01 5.04 -54.19
N GLY B 41 -1.83 4.48 -54.44
CA GLY B 41 -0.59 4.96 -53.84
C GLY B 41 -0.31 6.41 -54.21
N ASN B 42 -0.74 6.83 -55.43
CA ASN B 42 -0.59 8.20 -55.96
C ASN B 42 0.85 8.72 -55.96
N GLN B 43 1.82 7.84 -56.29
CA GLN B 43 3.24 8.16 -56.34
C GLN B 43 3.87 7.75 -57.68
N CYS B 44 3.53 6.55 -58.17
CA CYS B 44 4.08 6.03 -59.42
C CYS B 44 3.12 6.21 -60.56
N SER B 45 3.64 6.57 -61.72
CA SER B 45 2.87 6.73 -62.94
C SER B 45 3.68 6.21 -64.12
N PHE B 46 3.24 5.07 -64.67
CA PHE B 46 3.88 4.40 -65.81
C PHE B 46 2.88 4.30 -66.93
N LEU B 47 3.12 5.06 -68.01
CA LEU B 47 2.22 5.06 -69.16
C LEU B 47 2.30 3.75 -69.93
N PRO B 48 1.16 3.03 -70.12
CA PRO B 48 1.23 1.80 -70.91
C PRO B 48 1.21 2.14 -72.40
N ALA B 49 1.57 1.18 -73.27
CA ALA B 49 1.49 1.36 -74.72
C ALA B 49 0.02 1.17 -75.19
N ALA B 50 -0.73 0.29 -74.50
CA ALA B 50 -2.13 -0.02 -74.82
C ALA B 50 -2.95 -0.43 -73.59
N VAL B 51 -4.25 -0.26 -73.69
CA VAL B 51 -5.23 -0.67 -72.68
C VAL B 51 -6.20 -1.61 -73.36
N LEU B 52 -6.28 -2.86 -72.86
CA LEU B 52 -7.27 -3.79 -73.36
C LEU B 52 -8.54 -3.63 -72.49
N HIS B 53 -9.70 -3.42 -73.16
CA HIS B 53 -11.02 -3.42 -72.52
C HIS B 53 -11.62 -4.74 -73.00
N PRO B 54 -11.39 -5.85 -72.27
CA PRO B 54 -11.82 -7.17 -72.78
C PRO B 54 -13.34 -7.33 -72.81
N GLY B 55 -13.83 -7.96 -73.87
CA GLY B 55 -15.24 -8.29 -74.03
C GLY B 55 -15.50 -9.72 -73.64
N SER B 56 -14.43 -10.50 -73.36
CA SER B 56 -14.53 -11.92 -72.98
C SER B 56 -13.19 -12.39 -72.41
N VAL B 57 -13.12 -13.60 -71.86
CA VAL B 57 -11.83 -14.12 -71.41
C VAL B 57 -10.94 -14.48 -72.60
N SER B 58 -11.58 -14.82 -73.74
CA SER B 58 -10.93 -15.12 -75.02
C SER B 58 -10.07 -13.94 -75.49
N ASP B 59 -10.52 -12.69 -75.28
CA ASP B 59 -9.75 -11.47 -75.59
C ASP B 59 -8.44 -11.42 -74.79
N ILE B 60 -8.52 -11.79 -73.50
CA ILE B 60 -7.38 -11.77 -72.58
C ILE B 60 -6.36 -12.81 -73.05
N ALA B 61 -6.84 -14.05 -73.27
CA ALA B 61 -6.02 -15.19 -73.74
C ALA B 61 -5.36 -14.89 -75.09
N ALA B 62 -6.11 -14.32 -76.05
CA ALA B 62 -5.56 -13.96 -77.37
C ALA B 62 -4.47 -12.89 -77.25
N THR B 63 -4.67 -11.91 -76.36
CA THR B 63 -3.70 -10.84 -76.13
C THR B 63 -2.42 -11.46 -75.52
N VAL B 64 -2.57 -12.31 -74.47
CA VAL B 64 -1.41 -12.95 -73.84
C VAL B 64 -0.67 -13.86 -74.85
N ARG B 65 -1.41 -14.69 -75.62
CA ARG B 65 -0.84 -15.57 -76.64
C ARG B 65 -0.02 -14.77 -77.64
N HIS B 66 -0.56 -13.61 -78.07
CA HIS B 66 0.14 -12.73 -79.00
C HIS B 66 1.48 -12.25 -78.46
N VAL B 67 1.51 -11.71 -77.23
CA VAL B 67 2.74 -11.23 -76.59
C VAL B 67 3.74 -12.39 -76.47
N PHE B 68 3.26 -13.57 -76.02
CA PHE B 68 4.05 -14.78 -75.86
C PHE B 68 4.70 -15.21 -77.19
N SER B 69 3.94 -15.14 -78.32
CA SER B 69 4.44 -15.47 -79.68
C SER B 69 5.63 -14.58 -80.11
N LEU B 70 5.77 -13.37 -79.53
CA LEU B 70 6.87 -12.45 -79.86
C LEU B 70 8.23 -12.88 -79.27
N GLY B 71 8.20 -13.71 -78.25
CA GLY B 71 9.39 -14.25 -77.60
C GLY B 71 10.26 -13.24 -76.89
N GLU B 72 11.54 -13.62 -76.70
CA GLU B 72 12.66 -12.99 -75.98
C GLU B 72 12.86 -11.46 -75.83
N GLY B 73 12.87 -10.60 -76.86
CA GLY B 73 12.41 -10.71 -78.23
C GLY B 73 11.58 -9.45 -78.43
N SER B 74 10.66 -9.19 -77.46
CA SER B 74 9.76 -8.05 -77.35
C SER B 74 9.80 -7.49 -75.92
N PRO B 75 9.74 -6.16 -75.72
CA PRO B 75 9.69 -5.64 -74.34
C PRO B 75 8.26 -5.60 -73.75
N LEU B 76 7.22 -5.96 -74.56
CA LEU B 76 5.81 -5.94 -74.14
C LEU B 76 5.54 -6.83 -72.95
N THR B 77 4.81 -6.26 -71.99
CA THR B 77 4.37 -6.92 -70.77
C THR B 77 2.84 -6.70 -70.65
N VAL B 78 2.21 -7.50 -69.77
CA VAL B 78 0.77 -7.45 -69.53
C VAL B 78 0.51 -7.32 -68.03
N ALA B 79 -0.26 -6.29 -67.65
CA ALA B 79 -0.67 -6.10 -66.26
C ALA B 79 -2.19 -6.13 -66.18
N ALA B 80 -2.73 -7.02 -65.34
CA ALA B 80 -4.16 -7.08 -65.07
C ALA B 80 -4.43 -5.96 -64.06
N ARG B 81 -5.44 -5.14 -64.31
CA ARG B 81 -5.74 -4.12 -63.31
C ARG B 81 -7.10 -4.42 -62.71
N GLY B 82 -7.15 -4.45 -61.38
CA GLY B 82 -8.40 -4.63 -60.66
C GLY B 82 -8.99 -3.26 -60.41
N HIS B 83 -9.09 -2.87 -59.13
CA HIS B 83 -9.56 -1.55 -58.74
C HIS B 83 -8.39 -0.57 -58.59
N GLY B 84 -7.16 -1.02 -58.85
CA GLY B 84 -5.98 -0.16 -58.76
C GLY B 84 -5.64 0.30 -57.36
N HIS B 85 -5.92 -0.54 -56.34
CA HIS B 85 -5.61 -0.21 -54.96
C HIS B 85 -4.17 -0.46 -54.55
N SER B 86 -3.37 -0.98 -55.49
CA SER B 86 -1.93 -1.18 -55.33
C SER B 86 -1.30 0.20 -55.01
N LEU B 87 -0.19 0.20 -54.28
CA LEU B 87 0.46 1.42 -53.81
C LEU B 87 1.71 1.88 -54.56
N MET B 88 2.41 0.97 -55.26
CA MET B 88 3.67 1.32 -55.94
C MET B 88 3.79 0.72 -57.34
N GLY B 89 2.84 1.03 -58.22
CA GLY B 89 2.86 0.58 -59.60
C GLY B 89 2.66 -0.90 -59.88
N GLN B 90 2.22 -1.72 -58.88
CA GLN B 90 2.03 -3.17 -59.08
C GLN B 90 1.02 -3.58 -60.15
N SER B 91 -0.02 -2.73 -60.39
CA SER B 91 -1.02 -2.99 -61.42
C SER B 91 -0.80 -2.14 -62.71
N GLN B 92 0.41 -1.59 -62.88
CA GLN B 92 0.78 -0.77 -64.04
C GLN B 92 1.81 -1.50 -64.91
N ALA B 93 1.94 -1.07 -66.18
CA ALA B 93 2.88 -1.69 -67.11
C ALA B 93 3.48 -0.62 -68.02
N ALA B 94 4.66 -0.10 -67.66
CA ALA B 94 5.43 0.89 -68.42
C ALA B 94 5.61 0.36 -69.86
N GLN B 95 5.01 1.07 -70.85
CA GLN B 95 5.06 0.68 -72.28
C GLN B 95 4.51 -0.74 -72.59
N GLY B 96 3.65 -1.24 -71.71
CA GLY B 96 3.03 -2.55 -71.85
C GLY B 96 1.54 -2.45 -72.10
N ILE B 97 0.83 -3.54 -71.80
CA ILE B 97 -0.62 -3.63 -72.01
C ILE B 97 -1.29 -3.78 -70.66
N VAL B 98 -2.20 -2.85 -70.31
CA VAL B 98 -2.96 -2.96 -69.08
C VAL B 98 -4.32 -3.58 -69.44
N VAL B 99 -4.70 -4.66 -68.74
CA VAL B 99 -6.00 -5.31 -68.94
C VAL B 99 -6.96 -4.76 -67.90
N ARG B 100 -8.02 -4.08 -68.35
CA ARG B 100 -9.04 -3.52 -67.46
C ARG B 100 -10.01 -4.66 -67.06
N MET B 101 -9.72 -5.34 -65.92
CA MET B 101 -10.51 -6.49 -65.43
C MET B 101 -11.95 -6.13 -65.05
N GLU B 102 -12.18 -4.88 -64.66
CA GLU B 102 -13.53 -4.43 -64.34
C GLU B 102 -14.47 -4.38 -65.57
N SER B 103 -13.89 -4.42 -66.81
CA SER B 103 -14.67 -4.50 -68.07
C SER B 103 -15.41 -5.83 -68.21
N LEU B 104 -14.99 -6.87 -67.46
CA LEU B 104 -15.65 -8.18 -67.42
C LEU B 104 -16.50 -8.40 -66.13
N ARG B 105 -16.76 -7.31 -65.33
CA ARG B 105 -17.51 -7.42 -64.06
C ARG B 105 -18.87 -8.14 -64.12
N GLY B 106 -19.69 -7.81 -65.12
CA GLY B 106 -21.02 -8.39 -65.37
C GLY B 106 -21.64 -9.36 -64.38
N ALA B 107 -21.97 -10.62 -64.78
CA ALA B 107 -21.82 -11.45 -66.00
C ALA B 107 -20.98 -12.65 -65.59
N ARG B 108 -21.65 -13.78 -65.37
CA ARG B 108 -21.10 -15.04 -64.87
C ARG B 108 -21.04 -15.07 -63.31
N LEU B 109 -21.76 -14.13 -62.63
CA LEU B 109 -21.87 -14.08 -61.16
C LEU B 109 -23.03 -15.02 -60.73
N GLN B 110 -22.68 -16.27 -60.38
CA GLN B 110 -23.61 -17.35 -60.06
C GLN B 110 -23.51 -17.84 -58.61
N VAL B 111 -24.65 -17.91 -57.89
CA VAL B 111 -24.74 -18.42 -56.54
C VAL B 111 -25.33 -19.85 -56.64
N HIS B 112 -24.62 -20.87 -56.14
CA HIS B 112 -25.12 -22.26 -56.17
C HIS B 112 -24.38 -23.10 -55.15
N ASP B 113 -25.09 -24.03 -54.51
CA ASP B 113 -24.51 -25.02 -53.60
C ASP B 113 -23.73 -24.45 -52.42
N GLY B 114 -24.11 -23.26 -51.95
CA GLY B 114 -23.42 -22.61 -50.84
C GLY B 114 -22.11 -21.98 -51.30
N PHE B 115 -21.99 -21.68 -52.61
CA PHE B 115 -20.80 -21.04 -53.22
C PHE B 115 -21.23 -19.95 -54.18
N VAL B 116 -20.31 -19.01 -54.47
CA VAL B 116 -20.55 -17.98 -55.49
C VAL B 116 -19.38 -18.01 -56.49
N ASP B 117 -19.70 -18.04 -57.79
CA ASP B 117 -18.73 -17.97 -58.87
C ASP B 117 -18.73 -16.51 -59.30
N ALA B 118 -17.60 -15.83 -59.11
CA ALA B 118 -17.50 -14.41 -59.39
C ALA B 118 -16.40 -14.10 -60.40
N PRO B 119 -16.66 -13.18 -61.36
CA PRO B 119 -15.58 -12.74 -62.25
C PRO B 119 -14.41 -12.18 -61.42
N GLY B 120 -13.19 -12.32 -61.94
CA GLY B 120 -11.98 -11.82 -61.28
C GLY B 120 -11.98 -10.31 -61.03
N GLY B 121 -12.61 -9.56 -61.95
CA GLY B 121 -12.73 -8.10 -61.90
C GLY B 121 -13.93 -7.58 -61.11
N GLU B 122 -14.71 -8.50 -60.49
CA GLU B 122 -15.88 -8.16 -59.66
C GLU B 122 -15.39 -7.57 -58.33
N LEU B 123 -16.08 -6.54 -57.83
CA LEU B 123 -15.75 -5.98 -56.54
C LEU B 123 -16.40 -6.82 -55.45
N TRP B 124 -15.74 -6.97 -54.29
CA TRP B 124 -16.29 -7.74 -53.16
C TRP B 124 -17.65 -7.20 -52.67
N ILE B 125 -17.85 -5.86 -52.71
CA ILE B 125 -19.12 -5.23 -52.31
C ILE B 125 -20.27 -5.79 -53.15
N ASN B 126 -20.04 -5.96 -54.46
CA ASN B 126 -21.03 -6.48 -55.39
C ASN B 126 -21.24 -7.99 -55.24
N VAL B 127 -20.20 -8.76 -54.83
CA VAL B 127 -20.30 -10.20 -54.55
C VAL B 127 -21.26 -10.28 -53.36
N LEU B 128 -20.99 -9.50 -52.31
CA LEU B 128 -21.83 -9.44 -51.10
C LEU B 128 -23.27 -9.04 -51.39
N ARG B 129 -23.52 -8.01 -52.21
CA ARG B 129 -24.90 -7.60 -52.48
C ARG B 129 -25.71 -8.69 -53.19
N GLU B 130 -25.07 -9.49 -54.06
CA GLU B 130 -25.77 -10.57 -54.74
C GLU B 130 -26.08 -11.74 -53.76
N THR B 131 -25.07 -12.11 -53.00
CA THR B 131 -25.04 -13.21 -52.06
C THR B 131 -26.11 -13.04 -50.94
N LEU B 132 -26.27 -11.79 -50.44
CA LEU B 132 -27.27 -11.43 -49.43
C LEU B 132 -28.70 -11.69 -49.86
N LYS B 133 -28.98 -11.67 -51.17
CA LYS B 133 -30.32 -11.95 -51.75
C LYS B 133 -30.74 -13.42 -51.52
N HIS B 134 -29.78 -14.29 -51.24
CA HIS B 134 -29.98 -15.71 -50.95
C HIS B 134 -29.76 -15.99 -49.45
N GLY B 135 -29.55 -14.93 -48.66
CA GLY B 135 -29.27 -15.04 -47.23
C GLY B 135 -27.88 -15.58 -46.93
N LEU B 136 -26.96 -15.49 -47.92
CA LEU B 136 -25.59 -16.01 -47.75
C LEU B 136 -24.54 -14.92 -47.85
N ALA B 137 -23.29 -15.24 -47.52
CA ALA B 137 -22.17 -14.32 -47.64
C ALA B 137 -20.85 -15.02 -47.47
N PRO B 138 -19.77 -14.49 -48.11
CA PRO B 138 -18.42 -15.02 -47.85
C PRO B 138 -18.12 -14.92 -46.34
N LYS B 139 -17.17 -15.76 -45.89
CA LYS B 139 -16.79 -15.90 -44.50
C LYS B 139 -15.69 -14.97 -44.07
N SER B 140 -14.81 -14.65 -45.02
CA SER B 140 -13.56 -13.92 -44.78
C SER B 140 -13.49 -12.69 -45.68
N TRP B 141 -13.07 -11.56 -45.10
CA TRP B 141 -13.11 -10.28 -45.79
C TRP B 141 -11.82 -9.50 -45.79
N THR B 142 -11.83 -8.32 -46.41
CA THR B 142 -10.80 -7.28 -46.32
C THR B 142 -11.57 -6.16 -45.59
N ASP B 143 -10.86 -5.15 -45.03
CA ASP B 143 -11.55 -4.06 -44.30
C ASP B 143 -12.34 -3.17 -45.26
N TYR B 144 -11.94 -3.14 -46.53
CA TYR B 144 -12.57 -2.33 -47.58
C TYR B 144 -13.07 -3.25 -48.68
N LEU B 145 -14.36 -3.13 -49.05
CA LEU B 145 -15.01 -4.03 -50.04
C LEU B 145 -14.91 -3.62 -51.50
N HIS B 146 -14.51 -2.39 -51.79
CA HIS B 146 -14.42 -1.90 -53.18
C HIS B 146 -13.01 -2.26 -53.74
N LEU B 147 -12.72 -3.57 -53.77
CA LEU B 147 -11.49 -4.22 -54.23
C LEU B 147 -11.91 -5.45 -55.06
N THR B 148 -11.18 -5.79 -56.14
CA THR B 148 -11.61 -6.95 -56.94
C THR B 148 -11.32 -8.28 -56.27
N VAL B 149 -12.08 -9.29 -56.66
CA VAL B 149 -11.88 -10.67 -56.22
C VAL B 149 -10.42 -11.10 -56.61
N GLY B 150 -10.04 -10.91 -57.87
CA GLY B 150 -8.71 -11.24 -58.42
C GLY B 150 -7.57 -10.52 -57.74
N GLY B 151 -7.76 -9.23 -57.42
CA GLY B 151 -6.78 -8.42 -56.72
C GLY B 151 -6.52 -8.88 -55.29
N THR B 152 -7.58 -9.14 -54.50
CA THR B 152 -7.33 -9.55 -53.09
C THR B 152 -6.78 -10.98 -53.01
N LEU B 153 -7.22 -11.88 -53.93
CA LEU B 153 -6.73 -13.28 -53.94
C LEU B 153 -5.26 -13.35 -54.35
N SER B 154 -4.80 -12.37 -55.17
CA SER B 154 -3.40 -12.31 -55.60
C SER B 154 -2.50 -11.88 -54.43
N ASN B 155 -3.11 -11.38 -53.33
CA ASN B 155 -2.40 -10.95 -52.13
C ASN B 155 -2.66 -11.92 -51.00
N ALA B 156 -3.80 -11.83 -50.34
CA ALA B 156 -4.24 -12.82 -49.32
C ALA B 156 -5.64 -12.49 -48.95
N GLY B 157 -5.89 -11.21 -48.63
CA GLY B 157 -7.21 -10.73 -48.24
C GLY B 157 -7.44 -10.99 -46.76
N VAL B 158 -7.04 -10.03 -45.91
CA VAL B 158 -7.07 -10.19 -44.45
C VAL B 158 -7.91 -9.11 -43.79
N SER B 159 -8.74 -9.52 -42.82
CA SER B 159 -9.58 -8.69 -41.96
C SER B 159 -9.82 -9.46 -40.61
N GLY B 160 -10.70 -8.94 -39.76
CA GLY B 160 -10.99 -9.50 -38.44
C GLY B 160 -11.60 -10.89 -38.37
N GLN B 161 -11.87 -11.53 -39.51
CA GLN B 161 -12.40 -12.91 -39.57
C GLN B 161 -11.30 -13.95 -39.82
N ALA B 162 -10.09 -13.49 -40.23
CA ALA B 162 -8.97 -14.36 -40.57
C ALA B 162 -8.53 -15.30 -39.45
N PHE B 163 -8.68 -14.86 -38.19
CA PHE B 163 -8.29 -15.67 -37.04
C PHE B 163 -9.08 -17.01 -37.04
N ARG B 164 -10.33 -16.98 -37.50
CA ARG B 164 -11.21 -18.13 -37.55
C ARG B 164 -11.28 -18.84 -38.91
N HIS B 165 -11.50 -18.07 -40.01
CA HIS B 165 -11.66 -18.68 -41.33
C HIS B 165 -10.43 -18.64 -42.21
N GLY B 166 -9.34 -18.05 -41.73
CA GLY B 166 -8.17 -17.83 -42.56
C GLY B 166 -8.39 -16.63 -43.50
N PRO B 167 -7.37 -16.22 -44.25
CA PRO B 167 -7.55 -15.11 -45.21
C PRO B 167 -8.46 -15.51 -46.37
N GLN B 168 -8.78 -14.57 -47.28
CA GLN B 168 -9.65 -14.87 -48.42
C GLN B 168 -9.18 -16.03 -49.30
N VAL B 169 -7.90 -16.17 -49.39
CA VAL B 169 -7.15 -17.20 -50.12
C VAL B 169 -7.38 -18.64 -49.49
N SER B 170 -7.86 -18.70 -48.21
CA SER B 170 -8.19 -19.99 -47.58
C SER B 170 -9.65 -20.35 -47.83
N ASN B 171 -10.37 -19.48 -48.55
CA ASN B 171 -11.80 -19.68 -48.75
C ASN B 171 -12.24 -19.64 -50.20
N VAL B 172 -11.35 -20.15 -51.10
CA VAL B 172 -11.53 -20.26 -52.55
C VAL B 172 -11.49 -21.75 -52.89
N ASN B 173 -12.35 -22.20 -53.80
CA ASN B 173 -12.44 -23.61 -54.16
C ASN B 173 -12.00 -23.90 -55.55
N GLN B 174 -12.08 -22.89 -56.43
CA GLN B 174 -11.74 -23.05 -57.84
C GLN B 174 -11.37 -21.67 -58.42
N LEU B 175 -10.49 -21.67 -59.42
CA LEU B 175 -10.05 -20.50 -60.16
C LEU B 175 -10.03 -20.81 -61.65
N GLU B 176 -10.40 -19.83 -62.46
CA GLU B 176 -10.26 -19.90 -63.91
C GLU B 176 -9.14 -18.88 -64.19
N ILE B 177 -8.08 -19.32 -64.85
CA ILE B 177 -6.89 -18.48 -65.07
C ILE B 177 -6.44 -18.47 -66.51
N VAL B 178 -5.92 -17.30 -66.96
CA VAL B 178 -5.24 -17.17 -68.24
C VAL B 178 -3.74 -17.12 -67.84
N THR B 179 -2.97 -18.19 -68.14
CA THR B 179 -1.53 -18.27 -67.77
C THR B 179 -0.70 -17.31 -68.65
N GLY B 180 0.56 -17.10 -68.28
CA GLY B 180 1.49 -16.28 -69.04
C GLY B 180 1.81 -16.82 -70.43
N ARG B 181 1.37 -18.07 -70.73
CA ARG B 181 1.51 -18.72 -72.02
C ARG B 181 0.25 -18.50 -72.86
N GLY B 182 -0.80 -17.94 -72.25
CA GLY B 182 -2.05 -17.68 -72.95
C GLY B 182 -3.06 -18.81 -72.90
N ASP B 183 -2.81 -19.84 -72.08
CA ASP B 183 -3.75 -20.95 -71.94
C ASP B 183 -4.83 -20.58 -70.94
N VAL B 184 -6.06 -21.03 -71.17
CA VAL B 184 -7.18 -20.82 -70.25
C VAL B 184 -7.31 -22.11 -69.43
N VAL B 185 -7.07 -22.05 -68.11
CA VAL B 185 -7.10 -23.21 -67.22
C VAL B 185 -8.12 -23.04 -66.07
N THR B 186 -8.97 -24.06 -65.85
CA THR B 186 -9.83 -24.13 -64.66
C THR B 186 -9.03 -25.02 -63.71
N CYS B 187 -8.77 -24.53 -62.49
CA CYS B 187 -7.95 -25.24 -61.51
C CYS B 187 -8.54 -25.20 -60.11
N SER B 188 -8.11 -26.14 -59.25
CA SER B 188 -8.64 -26.31 -57.90
C SER B 188 -7.65 -27.16 -57.12
N PRO B 189 -7.86 -27.48 -55.82
CA PRO B 189 -6.96 -28.45 -55.15
C PRO B 189 -6.94 -29.83 -55.82
N GLU B 190 -7.94 -30.16 -56.67
CA GLU B 190 -8.12 -31.49 -57.29
C GLU B 190 -7.70 -31.59 -58.75
N ASP B 191 -7.40 -30.46 -59.39
CA ASP B 191 -7.09 -30.41 -60.82
C ASP B 191 -6.25 -29.20 -61.09
N ASN B 192 -5.05 -29.41 -61.71
CA ASN B 192 -4.06 -28.37 -61.99
C ASN B 192 -3.82 -27.64 -60.66
N SER B 193 -3.65 -28.43 -59.56
CA SER B 193 -3.50 -27.92 -58.20
C SER B 193 -2.30 -27.03 -58.00
N ASP B 194 -1.19 -27.29 -58.69
CA ASP B 194 -0.02 -26.46 -58.48
C ASP B 194 -0.26 -24.98 -58.96
N LEU B 195 -0.99 -24.80 -60.08
CA LEU B 195 -1.36 -23.47 -60.60
C LEU B 195 -2.32 -22.79 -59.61
N PHE B 196 -3.31 -23.54 -59.10
CA PHE B 196 -4.30 -23.08 -58.12
C PHE B 196 -3.62 -22.47 -56.89
N TYR B 197 -2.71 -23.23 -56.25
CA TYR B 197 -1.97 -22.80 -55.08
C TYR B 197 -0.99 -21.70 -55.39
N ALA B 198 -0.37 -21.73 -56.60
CA ALA B 198 0.58 -20.72 -57.05
C ALA B 198 -0.09 -19.32 -57.11
N ALA B 199 -1.26 -19.24 -57.76
CA ALA B 199 -2.05 -18.03 -57.98
C ALA B 199 -2.50 -17.34 -56.68
N LEU B 200 -2.73 -18.11 -55.62
CA LEU B 200 -3.14 -17.63 -54.29
C LEU B 200 -1.96 -17.01 -53.60
N GLY B 201 -2.04 -15.67 -53.44
CA GLY B 201 -0.95 -14.84 -52.94
C GLY B 201 0.16 -14.69 -53.96
N GLY B 202 -0.15 -15.06 -55.22
CA GLY B 202 0.77 -15.12 -56.35
C GLY B 202 1.24 -13.81 -56.96
N LEU B 203 0.65 -12.65 -56.54
CA LEU B 203 1.04 -11.32 -57.00
C LEU B 203 0.93 -11.15 -58.54
N GLY B 204 -0.04 -11.86 -59.14
CA GLY B 204 -0.30 -11.86 -60.58
C GLY B 204 0.77 -12.50 -61.44
N GLN B 205 1.78 -13.15 -60.81
CA GLN B 205 2.96 -13.72 -61.48
C GLN B 205 2.74 -14.89 -62.37
N PHE B 206 1.69 -15.67 -62.13
CA PHE B 206 1.46 -16.93 -62.84
C PHE B 206 0.27 -16.94 -63.77
N GLY B 207 -0.52 -15.87 -63.77
CA GLY B 207 -1.71 -15.80 -64.61
C GLY B 207 -2.73 -14.80 -64.14
N ILE B 208 -3.71 -14.55 -65.01
CA ILE B 208 -4.79 -13.63 -64.71
C ILE B 208 -5.99 -14.44 -64.25
N ILE B 209 -6.49 -14.18 -63.02
CA ILE B 209 -7.68 -14.84 -62.49
C ILE B 209 -8.88 -14.15 -63.15
N THR B 210 -9.58 -14.89 -64.01
CA THR B 210 -10.79 -14.41 -64.69
C THR B 210 -12.05 -14.81 -63.93
N ARG B 211 -12.00 -15.84 -63.05
CA ARG B 211 -13.19 -16.28 -62.28
C ARG B 211 -12.76 -17.05 -61.04
N ALA B 212 -13.53 -16.89 -59.95
CA ALA B 212 -13.21 -17.54 -58.68
C ALA B 212 -14.46 -18.08 -58.03
N ARG B 213 -14.34 -19.28 -57.40
CA ARG B 213 -15.44 -19.89 -56.66
C ARG B 213 -15.17 -19.63 -55.19
N ILE B 214 -16.05 -18.85 -54.56
CA ILE B 214 -15.92 -18.42 -53.17
C ILE B 214 -16.92 -19.15 -52.29
N ALA B 215 -16.45 -19.70 -51.12
CA ALA B 215 -17.28 -20.42 -50.16
C ALA B 215 -18.16 -19.44 -49.40
N LEU B 216 -19.42 -19.84 -49.16
CA LEU B 216 -20.38 -19.00 -48.44
C LEU B 216 -20.83 -19.66 -47.12
N GLU B 217 -21.37 -18.84 -46.22
CA GLU B 217 -21.95 -19.25 -44.96
C GLU B 217 -23.27 -18.49 -44.80
N PRO B 218 -24.24 -18.97 -43.97
CA PRO B 218 -25.48 -18.20 -43.78
C PRO B 218 -25.15 -16.83 -43.21
N ALA B 219 -25.78 -15.77 -43.75
CA ALA B 219 -25.48 -14.40 -43.34
C ALA B 219 -26.33 -13.94 -42.16
N PRO B 220 -25.76 -13.29 -41.12
CA PRO B 220 -26.61 -12.75 -40.04
C PRO B 220 -27.28 -11.47 -40.54
N GLU B 221 -28.39 -11.08 -39.93
CA GLU B 221 -29.04 -9.85 -40.36
C GLU B 221 -28.43 -8.61 -39.71
N MET B 222 -27.85 -8.79 -38.52
CA MET B 222 -27.26 -7.72 -37.73
C MET B 222 -25.91 -8.09 -37.13
N VAL B 223 -25.20 -7.06 -36.65
CA VAL B 223 -23.92 -7.14 -35.97
C VAL B 223 -23.99 -6.17 -34.76
N ARG B 224 -23.48 -6.61 -33.61
CA ARG B 224 -23.32 -5.80 -32.41
C ARG B 224 -21.85 -5.42 -32.51
N TRP B 225 -21.59 -4.15 -32.86
CA TRP B 225 -20.26 -3.60 -33.12
C TRP B 225 -19.73 -2.91 -31.86
N ILE B 226 -18.64 -3.46 -31.30
CA ILE B 226 -18.05 -3.02 -30.04
C ILE B 226 -16.66 -2.42 -30.21
N ARG B 227 -16.38 -1.35 -29.45
CA ARG B 227 -15.08 -0.70 -29.35
C ARG B 227 -14.79 -0.37 -27.88
N VAL B 228 -13.62 -0.81 -27.39
CA VAL B 228 -13.14 -0.62 -26.03
C VAL B 228 -11.69 -0.14 -26.08
N LEU B 229 -11.25 0.55 -25.02
CA LEU B 229 -9.87 1.04 -24.94
C LEU B 229 -9.08 0.39 -23.82
N TYR B 230 -7.78 0.26 -24.06
CA TYR B 230 -6.76 -0.25 -23.15
C TYR B 230 -5.65 0.79 -23.09
N SER B 231 -4.92 0.84 -21.97
CA SER B 231 -3.76 1.71 -21.80
C SER B 231 -2.52 0.84 -21.67
N ASP B 232 -2.71 -0.46 -21.36
CA ASP B 232 -1.62 -1.41 -21.14
C ASP B 232 -1.47 -2.36 -22.34
N PHE B 233 -0.31 -2.30 -23.04
CA PHE B 233 -0.05 -3.14 -24.21
C PHE B 233 -0.14 -4.63 -23.92
N GLU B 234 0.47 -5.07 -22.79
CA GLU B 234 0.48 -6.47 -22.35
C GLU B 234 -0.92 -6.99 -22.19
N SER B 235 -1.82 -6.23 -21.53
CA SER B 235 -3.22 -6.61 -21.31
C SER B 235 -3.99 -6.69 -22.63
N PHE B 236 -3.87 -5.66 -23.48
CA PHE B 236 -4.50 -5.56 -24.81
C PHE B 236 -4.22 -6.78 -25.70
N THR B 237 -2.94 -7.10 -25.92
CA THR B 237 -2.51 -8.21 -26.75
C THR B 237 -2.89 -9.57 -26.19
N GLU B 238 -2.73 -9.76 -24.85
CA GLU B 238 -3.11 -10.99 -24.16
C GLU B 238 -4.60 -11.24 -24.38
N ASP B 239 -5.43 -10.19 -24.31
CA ASP B 239 -6.87 -10.30 -24.51
C ASP B 239 -7.22 -10.68 -25.96
N GLN B 240 -6.52 -10.06 -26.96
CA GLN B 240 -6.68 -10.38 -28.39
C GLN B 240 -6.36 -11.85 -28.62
N GLU B 241 -5.21 -12.31 -28.08
CA GLU B 241 -4.74 -13.70 -28.16
C GLU B 241 -5.71 -14.69 -27.52
N MET B 242 -6.31 -14.34 -26.37
CA MET B 242 -7.30 -15.21 -25.73
C MET B 242 -8.55 -15.29 -26.62
N LEU B 243 -9.01 -14.12 -27.11
CA LEU B 243 -10.19 -14.05 -27.98
C LEU B 243 -10.02 -14.79 -29.33
N ILE B 244 -8.78 -14.87 -29.87
CA ILE B 244 -8.54 -15.56 -31.15
C ILE B 244 -8.42 -17.08 -31.02
N MET B 245 -8.38 -17.58 -29.77
CA MET B 245 -8.26 -19.03 -29.49
C MET B 245 -9.50 -19.59 -28.79
N ALA B 246 -10.39 -18.71 -28.29
CA ALA B 246 -11.63 -19.08 -27.61
C ALA B 246 -12.55 -19.81 -28.59
N GLU B 247 -13.33 -20.78 -28.07
CA GLU B 247 -14.21 -21.60 -28.92
C GLU B 247 -15.45 -20.91 -29.46
N ASN B 248 -16.14 -20.10 -28.64
CA ASN B 248 -17.33 -19.39 -29.11
C ASN B 248 -17.15 -17.87 -28.98
N SER B 249 -16.03 -17.40 -29.52
CA SER B 249 -15.55 -16.02 -29.50
C SER B 249 -16.36 -15.04 -30.35
N PHE B 250 -15.81 -13.83 -30.58
CA PHE B 250 -16.44 -12.81 -31.41
C PHE B 250 -16.29 -13.18 -32.89
N ASP B 251 -17.10 -12.59 -33.76
CA ASP B 251 -17.04 -12.90 -35.20
C ASP B 251 -16.04 -12.06 -36.00
N TYR B 252 -15.47 -11.04 -35.35
CA TYR B 252 -14.47 -10.12 -35.92
C TYR B 252 -13.65 -9.63 -34.78
N ILE B 253 -12.33 -9.70 -34.91
CA ILE B 253 -11.39 -9.23 -33.90
C ILE B 253 -10.27 -8.45 -34.58
N GLU B 254 -10.22 -7.13 -34.31
CA GLU B 254 -9.17 -6.25 -34.76
C GLU B 254 -8.72 -5.35 -33.61
N GLY B 255 -7.69 -4.56 -33.86
CA GLY B 255 -7.14 -3.62 -32.89
C GLY B 255 -6.47 -2.46 -33.58
N PHE B 256 -6.41 -1.33 -32.87
CA PHE B 256 -5.81 -0.09 -33.36
C PHE B 256 -4.85 0.50 -32.32
N VAL B 257 -3.78 1.13 -32.80
CA VAL B 257 -2.80 1.79 -31.95
C VAL B 257 -3.02 3.30 -32.11
N ILE B 258 -3.31 3.98 -30.99
CA ILE B 258 -3.55 5.43 -30.98
C ILE B 258 -2.40 6.15 -30.32
N ILE B 259 -1.67 6.99 -31.09
CA ILE B 259 -0.53 7.77 -30.60
C ILE B 259 -0.88 9.25 -30.62
N ASN B 260 -1.10 9.84 -29.42
CA ASN B 260 -1.42 11.26 -29.17
C ASN B 260 -2.58 11.78 -30.04
N ARG B 288 0.83 9.86 -24.67
CA ARG B 288 0.20 8.60 -24.26
C ARG B 288 -0.18 7.76 -25.48
N VAL B 289 0.12 6.44 -25.42
CA VAL B 289 -0.20 5.49 -26.47
C VAL B 289 -1.41 4.66 -25.99
N LEU B 290 -2.55 4.81 -26.67
CA LEU B 290 -3.76 4.06 -26.33
C LEU B 290 -3.99 2.91 -27.34
N TYR B 291 -4.75 1.89 -26.92
CA TYR B 291 -5.03 0.72 -27.76
C TYR B 291 -6.52 0.46 -27.82
N CYS B 292 -7.05 0.40 -29.03
CA CYS B 292 -8.46 0.15 -29.23
C CYS B 292 -8.69 -1.30 -29.67
N LEU B 293 -9.55 -2.02 -28.95
CA LEU B 293 -9.94 -3.39 -29.30
C LEU B 293 -11.28 -3.26 -30.00
N GLU B 294 -11.36 -3.73 -31.25
CA GLU B 294 -12.61 -3.63 -32.02
C GLU B 294 -13.16 -5.04 -32.21
N LEU B 295 -14.43 -5.24 -31.87
CA LEU B 295 -15.08 -6.55 -31.89
C LEU B 295 -16.44 -6.49 -32.46
N THR B 296 -16.93 -7.64 -32.94
CA THR B 296 -18.32 -7.76 -33.38
C THR B 296 -18.88 -9.12 -32.97
N LYS B 297 -20.19 -9.18 -32.85
CA LYS B 297 -20.94 -10.40 -32.59
C LYS B 297 -22.14 -10.40 -33.50
N ASN B 298 -22.14 -11.36 -34.45
CA ASN B 298 -23.20 -11.56 -35.43
C ASN B 298 -24.47 -12.13 -34.73
N PHE B 299 -25.65 -11.60 -35.10
CA PHE B 299 -26.92 -12.04 -34.52
C PHE B 299 -28.12 -11.74 -35.45
N ASN B 300 -29.22 -12.45 -35.20
CA ASN B 300 -30.51 -12.29 -35.86
C ASN B 300 -31.49 -11.72 -34.83
N SER B 301 -32.51 -10.95 -35.29
CA SER B 301 -33.52 -10.32 -34.40
C SER B 301 -34.14 -11.26 -33.35
N GLY B 302 -34.43 -12.50 -33.74
CA GLY B 302 -35.00 -13.51 -32.86
C GLY B 302 -34.12 -13.86 -31.68
N ASP B 303 -32.79 -13.97 -31.91
CA ASP B 303 -31.82 -14.32 -30.88
C ASP B 303 -31.06 -13.12 -30.28
N THR B 304 -31.74 -11.97 -30.09
CA THR B 304 -31.14 -10.75 -29.51
C THR B 304 -30.71 -10.98 -28.05
N ASP B 305 -31.54 -11.71 -27.28
CA ASP B 305 -31.31 -12.07 -25.87
C ASP B 305 -30.15 -13.06 -25.71
N THR B 306 -30.06 -14.04 -26.62
CA THR B 306 -29.00 -15.07 -26.65
C THR B 306 -27.63 -14.39 -26.88
N MET B 307 -27.60 -13.37 -27.77
CA MET B 307 -26.42 -12.60 -28.12
C MET B 307 -25.98 -11.70 -26.94
N GLU B 308 -26.94 -10.97 -26.32
CA GLU B 308 -26.68 -10.07 -25.19
C GLU B 308 -25.97 -10.78 -24.03
N GLN B 309 -26.40 -12.01 -23.72
CA GLN B 309 -25.85 -12.87 -22.67
C GLN B 309 -24.50 -13.43 -23.06
N GLU B 310 -24.33 -13.81 -24.35
CA GLU B 310 -23.09 -14.37 -24.88
C GLU B 310 -21.99 -13.31 -24.91
N VAL B 311 -22.35 -12.05 -25.24
CA VAL B 311 -21.43 -10.91 -25.31
C VAL B 311 -20.96 -10.50 -23.92
N ALA B 312 -21.90 -10.38 -22.96
CA ALA B 312 -21.64 -10.06 -21.56
C ALA B 312 -20.61 -11.03 -20.96
N VAL B 313 -20.75 -12.35 -21.23
CA VAL B 313 -19.81 -13.39 -20.76
C VAL B 313 -18.42 -13.15 -21.34
N LEU B 314 -18.34 -12.97 -22.67
CA LEU B 314 -17.11 -12.72 -23.43
C LEU B 314 -16.39 -11.46 -22.91
N LEU B 315 -17.13 -10.36 -22.72
CA LEU B 315 -16.59 -9.09 -22.23
C LEU B 315 -16.12 -9.17 -20.78
N SER B 316 -16.84 -9.95 -19.92
CA SER B 316 -16.50 -10.13 -18.50
C SER B 316 -15.09 -10.69 -18.28
N ARG B 317 -14.54 -11.41 -19.29
CA ARG B 317 -13.19 -12.00 -19.22
C ARG B 317 -12.11 -11.01 -19.65
N LEU B 318 -12.50 -9.79 -20.05
CA LEU B 318 -11.59 -8.77 -20.56
C LEU B 318 -11.21 -7.66 -19.56
N ARG B 319 -9.98 -7.16 -19.69
CA ARG B 319 -9.39 -6.15 -18.80
C ARG B 319 -9.29 -4.74 -19.39
N PHE B 320 -10.24 -4.34 -20.25
CA PHE B 320 -10.27 -3.02 -20.85
C PHE B 320 -10.73 -1.96 -19.83
N ILE B 321 -10.52 -0.66 -20.15
CA ILE B 321 -10.99 0.44 -19.33
C ILE B 321 -12.52 0.44 -19.45
N GLN B 322 -13.17 -0.07 -18.40
CA GLN B 322 -14.63 -0.28 -18.29
C GLN B 322 -15.54 0.88 -18.71
N SER B 323 -15.08 2.13 -18.53
CA SER B 323 -15.84 3.33 -18.89
C SER B 323 -15.69 3.74 -20.38
N THR B 324 -14.82 3.01 -21.16
CA THR B 324 -14.55 3.29 -22.58
C THR B 324 -15.33 2.37 -23.53
N LEU B 325 -16.26 1.57 -22.99
CA LEU B 325 -17.10 0.65 -23.75
C LEU B 325 -18.14 1.36 -24.61
N PHE B 326 -17.98 1.28 -25.93
CA PHE B 326 -18.89 1.82 -26.93
C PHE B 326 -19.43 0.69 -27.82
N HIS B 327 -20.72 0.71 -28.10
CA HIS B 327 -21.36 -0.30 -28.94
C HIS B 327 -22.51 0.27 -29.76
N THR B 328 -22.78 -0.38 -30.91
CA THR B 328 -23.86 -0.03 -31.83
C THR B 328 -24.35 -1.29 -32.53
N ASP B 329 -25.67 -1.36 -32.81
CA ASP B 329 -26.26 -2.48 -33.51
C ASP B 329 -26.55 -2.01 -34.92
N VAL B 330 -25.89 -2.61 -35.92
CA VAL B 330 -26.02 -2.27 -37.34
C VAL B 330 -26.27 -3.55 -38.11
N THR B 331 -26.72 -3.43 -39.37
CA THR B 331 -26.92 -4.59 -40.25
C THR B 331 -25.49 -5.14 -40.64
N TYR B 332 -25.43 -6.41 -41.07
CA TYR B 332 -24.18 -7.04 -41.51
C TYR B 332 -23.52 -6.23 -42.63
N LEU B 333 -24.32 -5.85 -43.64
CA LEU B 333 -23.87 -5.03 -44.76
C LEU B 333 -23.28 -3.67 -44.29
N GLU B 334 -23.96 -2.96 -43.37
CA GLU B 334 -23.49 -1.68 -42.84
C GLU B 334 -22.12 -1.87 -42.16
N PHE B 335 -21.94 -2.96 -41.41
CA PHE B 335 -20.63 -3.17 -40.77
C PHE B 335 -19.57 -3.52 -41.84
N LEU B 336 -19.85 -4.48 -42.73
CA LEU B 336 -18.87 -4.89 -43.74
C LEU B 336 -18.43 -3.75 -44.65
N ASP B 337 -19.37 -2.85 -44.99
CA ASP B 337 -19.09 -1.70 -45.85
C ASP B 337 -18.67 -0.41 -45.10
N ARG B 338 -18.42 -0.47 -43.78
CA ARG B 338 -18.06 0.70 -42.93
C ARG B 338 -16.99 1.66 -43.49
N VAL B 339 -15.92 1.13 -44.12
CA VAL B 339 -14.82 1.94 -44.68
C VAL B 339 -15.30 2.82 -45.87
N HIS B 340 -16.36 2.39 -46.59
CA HIS B 340 -16.93 3.21 -47.67
C HIS B 340 -17.49 4.54 -47.10
N THR B 341 -17.90 4.56 -45.82
CA THR B 341 -18.34 5.80 -45.15
C THR B 341 -17.14 6.75 -45.03
N SER B 342 -15.98 6.22 -44.60
CA SER B 342 -14.75 7.01 -44.48
C SER B 342 -14.31 7.50 -45.85
N GLU B 343 -14.41 6.62 -46.88
CA GLU B 343 -14.07 6.99 -48.28
C GLU B 343 -14.89 8.23 -48.74
N LEU B 344 -16.22 8.21 -48.53
CA LEU B 344 -17.10 9.31 -48.94
C LEU B 344 -16.72 10.65 -48.26
N LYS B 345 -16.35 10.61 -46.96
CA LYS B 345 -15.92 11.80 -46.20
C LYS B 345 -14.61 12.33 -46.76
N LEU B 346 -13.66 11.44 -47.06
CA LEU B 346 -12.36 11.80 -47.62
C LEU B 346 -12.50 12.36 -49.04
N ARG B 347 -13.38 11.77 -49.87
CA ARG B 347 -13.61 12.25 -51.23
C ARG B 347 -14.18 13.68 -51.17
N ALA B 348 -15.08 13.94 -50.19
CA ALA B 348 -15.71 15.24 -49.99
C ALA B 348 -14.69 16.36 -49.67
N GLN B 349 -13.63 16.03 -48.92
CA GLN B 349 -12.54 16.96 -48.55
C GLN B 349 -11.38 16.90 -49.55
N SER B 350 -11.56 16.19 -50.71
CA SER B 350 -10.53 16.00 -51.75
C SER B 350 -9.28 15.34 -51.19
N LEU B 351 -9.48 14.46 -50.15
CA LEU B 351 -8.43 13.75 -49.42
C LEU B 351 -8.34 12.24 -49.73
N TRP B 352 -9.10 11.75 -50.71
CA TRP B 352 -9.07 10.32 -51.04
C TRP B 352 -7.94 10.00 -51.99
N GLU B 353 -7.75 10.84 -53.01
CA GLU B 353 -6.75 10.65 -54.05
C GLU B 353 -5.45 11.38 -53.70
N VAL B 354 -4.87 11.08 -52.55
CA VAL B 354 -3.60 11.65 -52.08
C VAL B 354 -2.54 10.52 -52.02
N PRO B 355 -1.22 10.82 -51.93
CA PRO B 355 -0.23 9.72 -51.78
C PRO B 355 -0.46 8.90 -50.51
N HIS B 356 -0.35 7.56 -50.62
CA HIS B 356 -0.57 6.66 -49.48
C HIS B 356 0.68 5.82 -49.25
N PRO B 357 1.70 6.36 -48.52
CA PRO B 357 2.94 5.58 -48.29
C PRO B 357 2.76 4.60 -47.12
N TRP B 358 1.89 3.58 -47.33
CA TRP B 358 1.58 2.58 -46.31
C TRP B 358 2.73 1.65 -46.02
N LEU B 359 2.78 1.14 -44.79
CA LEU B 359 3.73 0.09 -44.40
C LEU B 359 2.89 -1.01 -43.75
N ASN B 360 2.98 -2.23 -44.28
CA ASN B 360 2.17 -3.37 -43.79
C ASN B 360 3.09 -4.49 -43.41
N LEU B 361 3.09 -4.80 -42.11
CA LEU B 361 4.02 -5.81 -41.57
C LEU B 361 3.31 -6.99 -40.91
N LEU B 362 3.97 -8.14 -40.95
CA LEU B 362 3.56 -9.36 -40.28
C LEU B 362 4.66 -9.64 -39.26
N ILE B 363 4.31 -9.50 -37.98
CA ILE B 363 5.24 -9.64 -36.84
C ILE B 363 4.97 -10.92 -36.03
N PRO B 364 5.99 -11.80 -35.82
CA PRO B 364 5.76 -12.99 -34.97
C PRO B 364 5.42 -12.59 -33.53
N ARG B 365 4.63 -13.41 -32.84
CA ARG B 365 4.18 -13.21 -31.46
C ARG B 365 5.33 -12.92 -30.48
N SER B 366 6.47 -13.61 -30.63
CA SER B 366 7.62 -13.47 -29.75
C SER B 366 8.32 -12.12 -29.87
N SER B 367 8.07 -11.38 -30.98
CA SER B 367 8.70 -10.09 -31.24
C SER B 367 7.75 -8.91 -31.04
N ILE B 368 6.45 -9.16 -30.88
CA ILE B 368 5.46 -8.09 -30.78
C ILE B 368 5.69 -7.04 -29.69
N ARG B 369 6.15 -7.46 -28.49
CA ARG B 369 6.40 -6.57 -27.36
C ARG B 369 7.62 -5.69 -27.63
N ARG B 370 8.73 -6.31 -28.10
CA ARG B 370 9.99 -5.64 -28.45
C ARG B 370 9.76 -4.66 -29.63
N PHE B 371 8.90 -5.06 -30.61
CA PHE B 371 8.52 -4.23 -31.76
C PHE B 371 7.76 -2.99 -31.27
N ALA B 372 6.68 -3.20 -30.49
CA ALA B 372 5.81 -2.14 -29.96
C ALA B 372 6.53 -1.09 -29.10
N THR B 373 7.46 -1.53 -28.22
CA THR B 373 8.24 -0.65 -27.34
C THR B 373 9.10 0.32 -28.16
N GLU B 374 9.85 -0.17 -29.17
CA GLU B 374 10.66 0.70 -30.03
C GLU B 374 9.84 1.57 -30.98
N VAL B 375 8.91 0.96 -31.75
CA VAL B 375 8.10 1.67 -32.74
C VAL B 375 7.12 2.69 -32.16
N PHE B 376 6.21 2.28 -31.25
CA PHE B 376 5.20 3.19 -30.69
C PHE B 376 5.74 4.06 -29.54
N GLY B 377 6.75 3.54 -28.84
CA GLY B 377 7.37 4.26 -27.72
C GLY B 377 8.43 5.27 -28.13
N ARG B 378 9.20 4.99 -29.20
CA ARG B 378 10.29 5.85 -29.66
C ARG B 378 10.11 6.43 -31.07
N ILE B 379 10.24 5.60 -32.12
CA ILE B 379 10.14 5.99 -33.54
C ILE B 379 8.97 6.92 -33.90
N LEU B 380 7.75 6.59 -33.44
CA LEU B 380 6.55 7.37 -33.74
C LEU B 380 6.09 8.28 -32.59
N LYS B 381 5.79 9.55 -32.90
CA LYS B 381 5.34 10.54 -31.91
C LYS B 381 3.90 11.00 -32.16
N ASP B 382 3.33 10.59 -33.30
CA ASP B 382 1.97 10.92 -33.74
C ASP B 382 1.44 9.82 -34.67
N SER B 383 0.11 9.64 -34.71
CA SER B 383 -0.59 8.70 -35.59
C SER B 383 -1.82 9.41 -36.22
N ASN B 384 -1.77 10.77 -36.30
CA ASN B 384 -2.87 11.59 -36.84
C ASN B 384 -3.05 11.50 -38.35
N ASN B 385 -2.00 11.09 -39.08
CA ASN B 385 -2.04 10.99 -40.54
C ASN B 385 -2.63 9.68 -41.11
N GLY B 386 -3.08 8.80 -40.21
CA GLY B 386 -3.67 7.52 -40.60
C GLY B 386 -3.71 6.50 -39.47
N PRO B 387 -4.67 5.55 -39.55
CA PRO B 387 -4.78 4.53 -38.48
C PRO B 387 -3.61 3.54 -38.46
N ILE B 388 -3.33 2.98 -37.28
CA ILE B 388 -2.36 1.92 -37.11
C ILE B 388 -3.14 0.67 -36.71
N LEU B 389 -3.14 -0.35 -37.57
CA LEU B 389 -3.82 -1.62 -37.31
C LEU B 389 -2.88 -2.53 -36.57
N LEU B 390 -3.41 -3.25 -35.56
CA LEU B 390 -2.64 -4.23 -34.81
C LEU B 390 -3.56 -5.34 -34.30
N TYR B 391 -3.38 -6.55 -34.82
CA TYR B 391 -4.18 -7.72 -34.42
C TYR B 391 -3.52 -9.03 -34.78
N PRO B 392 -3.65 -10.07 -33.92
CA PRO B 392 -3.05 -11.37 -34.23
C PRO B 392 -3.99 -12.28 -35.01
N VAL B 393 -3.40 -13.24 -35.69
CA VAL B 393 -4.14 -14.26 -36.45
C VAL B 393 -3.51 -15.62 -36.13
N ASN B 394 -4.18 -16.69 -36.56
CA ASN B 394 -3.71 -18.07 -36.34
C ASN B 394 -3.12 -18.63 -37.63
N LYS B 395 -1.84 -19.03 -37.60
CA LYS B 395 -1.13 -19.61 -38.75
C LYS B 395 -1.78 -20.89 -39.30
N SER B 396 -2.46 -21.68 -38.45
CA SER B 396 -3.11 -22.95 -38.85
C SER B 396 -4.21 -22.75 -39.91
N LYS B 397 -4.73 -21.51 -40.02
CA LYS B 397 -5.79 -21.19 -40.98
C LYS B 397 -5.23 -20.82 -42.37
N TRP B 398 -3.91 -20.86 -42.54
CA TRP B 398 -3.21 -20.49 -43.80
C TRP B 398 -2.55 -21.72 -44.40
N ASP B 399 -2.91 -22.05 -45.64
CA ASP B 399 -2.35 -23.20 -46.34
C ASP B 399 -0.87 -22.98 -46.65
N ASN B 400 -0.03 -24.00 -46.41
CA ASN B 400 1.42 -23.91 -46.67
C ASN B 400 1.85 -24.13 -48.13
N LYS B 401 0.89 -24.37 -49.04
CA LYS B 401 1.19 -24.60 -50.47
C LYS B 401 1.03 -23.34 -51.35
N THR B 402 0.42 -22.27 -50.80
CA THR B 402 0.23 -21.00 -51.53
C THR B 402 1.53 -20.17 -51.68
N SER B 403 1.45 -19.04 -52.42
CA SER B 403 2.58 -18.13 -52.64
C SER B 403 2.72 -17.08 -51.54
N VAL B 404 1.83 -17.12 -50.54
CA VAL B 404 1.82 -16.18 -49.41
C VAL B 404 3.12 -16.36 -48.58
N VAL B 405 3.65 -15.23 -48.08
CA VAL B 405 4.85 -15.18 -47.24
C VAL B 405 4.40 -14.72 -45.86
N ILE B 406 4.51 -15.60 -44.88
CA ILE B 406 4.09 -15.28 -43.51
C ILE B 406 5.18 -15.66 -42.51
N PRO B 407 5.22 -15.09 -41.27
CA PRO B 407 6.26 -15.52 -40.30
C PRO B 407 6.01 -16.97 -39.83
N ASP B 408 7.05 -17.66 -39.34
CA ASP B 408 6.98 -19.08 -38.94
C ASP B 408 6.25 -19.45 -37.65
N GLU B 409 5.78 -18.46 -36.88
CA GLU B 409 5.08 -18.69 -35.61
C GLU B 409 3.61 -18.98 -35.77
N GLU B 410 3.05 -19.80 -34.87
CA GLU B 410 1.64 -20.18 -34.86
C GLU B 410 0.72 -18.96 -34.71
N ILE B 411 1.20 -17.94 -34.00
CA ILE B 411 0.52 -16.66 -33.77
C ILE B 411 1.42 -15.55 -34.29
N PHE B 412 0.89 -14.71 -35.17
CA PHE B 412 1.62 -13.56 -35.68
C PHE B 412 0.66 -12.43 -35.84
N TYR B 413 1.19 -11.20 -35.81
CA TYR B 413 0.38 -9.99 -35.85
C TYR B 413 0.46 -9.25 -37.19
N LEU B 414 -0.69 -8.79 -37.67
CA LEU B 414 -0.68 -7.88 -38.81
C LEU B 414 -0.56 -6.49 -38.18
N VAL B 415 0.43 -5.70 -38.64
CA VAL B 415 0.63 -4.31 -38.19
C VAL B 415 0.54 -3.43 -39.44
N GLY B 416 -0.52 -2.64 -39.54
CA GLY B 416 -0.75 -1.78 -40.70
C GLY B 416 -0.69 -0.30 -40.44
N PHE B 417 0.37 0.35 -40.96
CA PHE B 417 0.58 1.81 -40.88
C PHE B 417 -0.06 2.42 -42.15
N LEU B 418 -1.34 2.76 -42.05
CA LEU B 418 -2.18 3.22 -43.16
C LEU B 418 -2.17 4.76 -43.28
N SER B 419 -0.98 5.31 -43.44
CA SER B 419 -0.81 6.76 -43.50
C SER B 419 -1.16 7.38 -44.84
N SER B 420 -1.60 8.64 -44.77
CA SER B 420 -1.84 9.53 -45.90
C SER B 420 -0.76 10.60 -45.85
N ALA B 421 -0.39 11.16 -47.01
CA ALA B 421 0.58 12.26 -47.09
C ALA B 421 -0.11 13.43 -47.81
N PRO B 422 -0.95 14.22 -47.10
CA PRO B 422 -1.68 15.31 -47.78
C PRO B 422 -0.86 16.60 -47.98
N SER B 423 0.40 16.60 -47.55
CA SER B 423 1.23 17.79 -47.64
C SER B 423 2.44 17.62 -48.49
N LEU B 424 2.87 18.70 -49.17
CA LEU B 424 4.10 18.69 -49.98
C LEU B 424 5.35 18.88 -49.13
N SER B 425 5.19 19.31 -47.87
CA SER B 425 6.32 19.54 -46.98
C SER B 425 5.93 19.34 -45.52
N GLY B 426 6.92 19.04 -44.68
CA GLY B 426 6.71 18.89 -43.25
C GLY B 426 6.24 17.52 -42.79
N HIS B 427 5.42 17.51 -41.72
CA HIS B 427 4.94 16.30 -41.05
C HIS B 427 4.26 15.19 -41.86
N GLY B 428 3.74 15.48 -43.04
CA GLY B 428 3.20 14.41 -43.85
C GLY B 428 2.59 14.82 -45.17
N SER B 429 3.30 14.88 -46.27
CA SER B 429 4.70 14.66 -46.63
C SER B 429 5.15 13.23 -46.81
N ILE B 430 5.42 12.90 -48.09
CA ILE B 430 5.90 11.59 -48.48
C ILE B 430 7.31 11.36 -47.93
N ALA B 431 8.16 12.42 -47.90
CA ALA B 431 9.54 12.30 -47.39
C ALA B 431 9.56 11.90 -45.93
N HIS B 432 8.72 12.53 -45.09
CA HIS B 432 8.60 12.22 -43.67
C HIS B 432 8.07 10.78 -43.46
N ALA B 433 6.98 10.42 -44.16
CA ALA B 433 6.39 9.08 -44.07
C ALA B 433 7.43 8.02 -44.46
N MET B 434 8.18 8.25 -45.57
CA MET B 434 9.23 7.35 -46.04
C MET B 434 10.40 7.21 -45.07
N SER B 435 10.77 8.30 -44.39
CA SER B 435 11.83 8.29 -43.40
C SER B 435 11.41 7.40 -42.23
N LEU B 436 10.19 7.61 -41.68
CA LEU B 436 9.65 6.80 -40.58
C LEU B 436 9.52 5.32 -40.97
N ASN B 437 9.12 5.01 -42.24
CA ASN B 437 9.00 3.64 -42.76
C ASN B 437 10.35 2.95 -42.80
N SER B 438 11.37 3.67 -43.28
CA SER B 438 12.76 3.20 -43.34
C SER B 438 13.26 2.88 -41.94
N GLN B 439 12.94 3.74 -40.94
CA GLN B 439 13.32 3.56 -39.54
C GLN B 439 12.73 2.29 -38.95
N ILE B 440 11.42 2.04 -39.21
CA ILE B 440 10.71 0.85 -38.72
C ILE B 440 11.33 -0.42 -39.33
N VAL B 441 11.54 -0.43 -40.65
CA VAL B 441 12.13 -1.57 -41.36
C VAL B 441 13.60 -1.81 -40.92
N GLU B 442 14.39 -0.73 -40.74
CA GLU B 442 15.78 -0.82 -40.30
C GLU B 442 15.86 -1.42 -38.89
N PHE B 443 14.95 -1.00 -37.97
CA PHE B 443 14.85 -1.55 -36.63
C PHE B 443 14.56 -3.06 -36.68
N CYS B 444 13.53 -3.46 -37.46
CA CYS B 444 13.13 -4.86 -37.66
C CYS B 444 14.35 -5.73 -38.06
N GLU B 445 15.20 -5.23 -38.99
CA GLU B 445 16.42 -5.89 -39.44
C GLU B 445 17.50 -5.95 -38.37
N GLU B 446 17.82 -4.80 -37.74
CA GLU B 446 18.86 -4.66 -36.70
C GLU B 446 18.55 -5.48 -35.45
N ALA B 447 17.27 -5.52 -35.03
CA ALA B 447 16.82 -6.21 -33.83
C ALA B 447 16.23 -7.62 -34.07
N ASP B 448 16.43 -8.18 -35.30
CA ASP B 448 15.99 -9.50 -35.75
C ASP B 448 14.58 -9.86 -35.26
N ILE B 449 13.60 -9.01 -35.63
CA ILE B 449 12.20 -9.18 -35.26
C ILE B 449 11.53 -10.38 -35.99
N GLY B 450 12.08 -10.78 -37.13
CA GLY B 450 11.54 -11.85 -37.97
C GLY B 450 10.29 -11.39 -38.73
N MET B 451 10.25 -10.09 -39.04
CA MET B 451 9.17 -9.41 -39.76
C MET B 451 9.15 -9.85 -41.23
N LYS B 452 7.93 -9.95 -41.81
CA LYS B 452 7.68 -10.17 -43.25
C LYS B 452 6.68 -9.09 -43.70
N GLN B 453 6.96 -8.45 -44.83
CA GLN B 453 6.03 -7.44 -45.34
C GLN B 453 4.86 -8.09 -46.05
N TYR B 454 3.68 -7.47 -45.94
CA TYR B 454 2.45 -7.79 -46.67
C TYR B 454 2.30 -6.60 -47.63
N LEU B 455 1.76 -6.83 -48.86
CA LEU B 455 1.62 -5.81 -49.92
C LEU B 455 2.98 -5.15 -50.19
N ALA B 456 4.02 -5.98 -50.26
CA ALA B 456 5.42 -5.58 -50.41
C ALA B 456 5.71 -4.91 -51.76
N HIS B 457 6.70 -4.02 -51.78
CA HIS B 457 7.10 -3.28 -52.98
C HIS B 457 8.63 -3.27 -53.19
N TYR B 458 9.24 -4.45 -53.24
CA TYR B 458 10.67 -4.56 -53.51
C TYR B 458 10.96 -4.29 -54.98
N THR B 459 12.10 -3.64 -55.26
CA THR B 459 12.49 -3.22 -56.61
C THR B 459 13.51 -4.15 -57.29
N THR B 460 14.18 -5.02 -56.51
CA THR B 460 15.18 -5.95 -57.06
C THR B 460 14.78 -7.38 -56.74
N GLN B 461 15.22 -8.32 -57.58
CA GLN B 461 14.96 -9.75 -57.40
C GLN B 461 15.67 -10.28 -56.14
N GLU B 462 16.89 -9.76 -55.82
CA GLU B 462 17.63 -10.13 -54.62
C GLU B 462 16.83 -9.83 -53.35
N GLN B 463 16.13 -8.67 -53.26
CA GLN B 463 15.27 -8.34 -52.11
C GLN B 463 14.08 -9.32 -52.02
N TRP B 464 13.50 -9.69 -53.20
CA TRP B 464 12.38 -10.63 -53.30
C TRP B 464 12.82 -12.03 -52.87
N LYS B 465 14.05 -12.46 -53.27
CA LYS B 465 14.62 -13.75 -52.87
C LYS B 465 14.70 -13.87 -51.33
N THR B 466 15.14 -12.80 -50.66
CA THR B 466 15.25 -12.73 -49.19
C THR B 466 13.84 -12.77 -48.57
N HIS B 467 12.88 -11.99 -49.14
CA HIS B 467 11.49 -11.96 -48.70
C HIS B 467 10.89 -13.37 -48.74
N PHE B 468 11.00 -14.05 -49.88
CA PHE B 468 10.44 -15.40 -50.03
C PHE B 468 11.17 -16.46 -49.18
N GLY B 469 12.48 -16.28 -49.02
CA GLY B 469 13.34 -17.16 -48.23
C GLY B 469 13.32 -18.58 -48.74
N ALA B 470 12.90 -19.51 -47.86
CA ALA B 470 12.80 -20.97 -48.13
C ALA B 470 11.72 -21.29 -49.17
N ARG B 471 10.82 -20.32 -49.41
CA ARG B 471 9.73 -20.47 -50.39
C ARG B 471 10.10 -19.89 -51.77
N TRP B 472 11.33 -19.36 -51.93
CA TRP B 472 11.72 -18.77 -53.20
C TRP B 472 11.75 -19.78 -54.34
N GLU B 473 12.39 -20.94 -54.14
CA GLU B 473 12.55 -21.99 -55.14
C GLU B 473 11.20 -22.43 -55.72
N THR B 474 10.19 -22.61 -54.87
CA THR B 474 8.85 -22.97 -55.31
C THR B 474 8.28 -21.83 -56.18
N PHE B 475 8.43 -20.56 -55.74
CA PHE B 475 7.91 -19.39 -56.46
C PHE B 475 8.52 -19.27 -57.85
N GLU B 476 9.87 -19.45 -57.94
CA GLU B 476 10.61 -19.39 -59.20
C GLU B 476 10.30 -20.56 -60.13
N ARG B 477 10.12 -21.76 -59.58
CA ARG B 477 9.75 -22.95 -60.35
C ARG B 477 8.35 -22.74 -60.99
N ARG B 478 7.38 -22.29 -60.18
CA ARG B 478 6.02 -21.98 -60.66
C ARG B 478 6.05 -20.90 -61.75
N LYS B 479 6.93 -19.90 -61.62
CA LYS B 479 7.08 -18.83 -62.60
C LYS B 479 7.52 -19.39 -63.96
N HIS B 480 8.50 -20.32 -63.96
CA HIS B 480 8.97 -20.95 -65.20
C HIS B 480 7.87 -21.78 -65.84
N ARG B 481 7.06 -22.48 -65.03
CA ARG B 481 5.94 -23.27 -65.54
C ARG B 481 4.85 -22.39 -66.16
N TYR B 482 4.45 -21.31 -65.45
CA TYR B 482 3.27 -20.52 -65.83
C TYR B 482 3.47 -19.24 -66.58
N ASP B 483 4.60 -18.58 -66.40
CA ASP B 483 4.89 -17.36 -67.14
C ASP B 483 6.40 -17.34 -67.46
N PRO B 484 6.90 -18.26 -68.34
CA PRO B 484 8.35 -18.31 -68.61
C PRO B 484 9.00 -17.06 -69.18
N LEU B 485 8.25 -16.26 -69.96
CA LEU B 485 8.81 -15.03 -70.55
C LEU B 485 8.71 -13.83 -69.64
N ALA B 486 8.14 -14.00 -68.42
CA ALA B 486 7.93 -12.92 -67.43
C ALA B 486 7.15 -11.74 -68.06
N ILE B 487 6.01 -12.08 -68.67
CA ILE B 487 5.08 -11.13 -69.30
C ILE B 487 4.22 -10.43 -68.24
N LEU B 488 3.71 -11.22 -67.28
CA LEU B 488 2.70 -10.79 -66.31
C LEU B 488 3.13 -9.99 -65.10
N ALA B 489 2.29 -9.00 -64.74
CA ALA B 489 2.42 -8.13 -63.56
C ALA B 489 3.89 -7.62 -63.40
N PRO B 490 4.45 -6.89 -64.40
CA PRO B 490 5.84 -6.40 -64.26
C PRO B 490 6.05 -5.41 -63.10
N GLY B 491 4.98 -4.73 -62.69
CA GLY B 491 5.01 -3.77 -61.58
C GLY B 491 5.36 -4.38 -60.24
N GLN B 492 5.27 -5.72 -60.09
CA GLN B 492 5.70 -6.40 -58.86
C GLN B 492 7.25 -6.35 -58.76
N ARG B 493 7.96 -6.20 -59.90
CA ARG B 493 9.43 -6.09 -60.02
C ARG B 493 10.19 -7.31 -59.49
N ILE B 494 9.62 -8.51 -59.69
CA ILE B 494 10.23 -9.76 -59.24
C ILE B 494 11.05 -10.38 -60.35
N PHE B 495 10.49 -10.43 -61.56
CA PHE B 495 11.11 -11.03 -62.73
C PHE B 495 11.05 -10.05 -63.91
N PRO B 496 12.20 -9.46 -64.29
CA PRO B 496 12.21 -8.59 -65.48
C PRO B 496 11.88 -9.39 -66.73
N LYS B 497 11.31 -8.73 -67.75
CA LYS B 497 11.07 -9.35 -69.05
C LYS B 497 12.48 -9.47 -69.70
N ALA B 498 12.94 -10.65 -70.15
CA ALA B 498 12.39 -12.01 -70.13
C ALA B 498 13.54 -12.83 -69.50
N SER B 499 13.89 -12.48 -68.25
CA SER B 499 15.02 -12.90 -67.41
C SER B 499 15.13 -14.37 -66.97
N LEU B 500 14.01 -15.11 -66.86
CA LEU B 500 14.00 -16.50 -66.37
C LEU B 500 15.07 -17.44 -66.93
PA FAD C . 5.68 9.91 39.16
O1A FAD C . 6.20 10.84 40.18
O2A FAD C . 5.18 10.50 37.87
O5B FAD C . 6.73 8.81 38.72
C5B FAD C . 7.41 8.07 39.78
C4B FAD C . 8.48 7.18 39.20
O4B FAD C . 7.88 5.97 38.70
C3B FAD C . 9.27 7.74 38.01
O3B FAD C . 10.60 7.24 37.94
C2B FAD C . 8.42 7.30 36.82
O2B FAD C . 9.08 7.24 35.56
C1B FAD C . 7.91 5.94 37.28
N9A FAD C . 6.57 5.60 36.82
C8A FAD C . 5.44 6.40 36.81
N7A FAD C . 4.36 5.79 36.43
C5A FAD C . 4.78 4.49 36.16
C6A FAD C . 4.11 3.33 35.73
N6A FAD C . 2.82 3.31 35.39
N1A FAD C . 4.82 2.19 35.62
C2A FAD C . 6.13 2.22 35.90
N3A FAD C . 6.88 3.25 36.28
C4A FAD C . 6.14 4.36 36.41
N1 FAD C . 4.77 8.30 49.15
C2 FAD C . 4.43 7.39 50.13
O2 FAD C . 4.89 6.25 50.15
N3 FAD C . 3.58 7.78 51.16
C4 FAD C . 2.99 9.02 51.31
O4 FAD C . 2.26 9.22 52.27
C4X FAD C . 3.33 9.99 50.24
N5 FAD C . 2.79 11.18 50.29
C5X FAD C . 3.10 12.09 49.26
C6 FAD C . 2.50 13.34 49.26
C7 FAD C . 2.71 14.26 48.24
C7M FAD C . 2.00 15.60 48.29
C8 FAD C . 3.57 13.91 47.17
C8M FAD C . 3.84 14.87 46.03
C9 FAD C . 4.22 12.68 47.18
C9A FAD C . 3.98 11.74 48.21
N10 FAD C . 4.57 10.45 48.23
C10 FAD C . 4.26 9.54 49.21
C1' FAD C . 5.55 10.07 47.18
C2' FAD C . 4.86 9.35 46.04
O2' FAD C . 4.40 8.05 46.43
C3' FAD C . 5.83 9.21 44.86
O3' FAD C . 6.31 10.49 44.46
C4' FAD C . 5.44 8.33 43.67
O4' FAD C . 6.35 8.48 42.59
C5' FAD C . 4.00 8.36 43.19
O5' FAD C . 3.57 9.52 42.47
P FAD C . 3.29 9.70 40.86
O1P FAD C . 2.12 9.06 40.23
O2P FAD C . 3.27 11.22 40.89
O3P FAD C . 4.41 9.17 39.87
C1 IPA D . 14.88 -5.41 51.05
C2 IPA D . 13.42 -5.90 50.97
C3 IPA D . 13.14 -6.52 49.59
O2 IPA D . 13.27 -6.92 51.85
C1 IPA E . -3.11 -7.00 35.38
C2 IPA E . -4.61 -6.82 35.37
C3 IPA E . -5.27 -8.01 34.70
O2 IPA E . -5.09 -6.80 36.68
C1 IPA F . 2.83 19.04 40.99
C2 IPA F . 2.60 17.76 40.25
C3 IPA F . 1.08 17.50 40.16
O2 IPA F . 3.06 17.93 38.94
C1 EDO G . 9.24 -12.39 54.09
O1 EDO G . 9.68 -11.16 54.65
C2 EDO G . 9.13 -12.29 52.54
O2 EDO G . 8.41 -13.39 51.97
C1 IPA H . 8.52 15.16 12.01
C2 IPA H . 7.78 14.77 13.31
C3 IPA H . 6.97 13.53 13.07
O2 IPA H . 8.69 14.31 14.27
C1 EDO I . 3.12 -10.66 47.43
O1 EDO I . 3.89 -9.93 48.38
C2 EDO I . 1.77 -9.92 47.21
O2 EDO I . 0.93 -10.74 46.38
C1 EDO J . 1.46 14.07 55.28
O1 EDO J . 0.93 15.11 56.10
C2 EDO J . 1.62 14.57 53.82
O2 EDO J . 2.16 13.53 53.02
C1 GOL K . 13.86 18.99 55.28
O1 GOL K . 14.11 18.48 53.97
C2 GOL K . 15.06 19.71 55.82
O2 GOL K . 14.95 21.10 55.56
C3 GOL K . 15.26 19.46 57.31
O3 GOL K . 14.27 20.15 58.06
C1 IPA L . 6.57 11.24 51.37
C2 IPA L . 6.62 10.62 52.76
C3 IPA L . 5.22 10.64 53.33
O2 IPA L . 6.97 9.26 52.68
C1 IPA M . 15.84 13.28 33.74
C2 IPA M . 17.09 13.00 32.93
C3 IPA M . 18.22 12.45 33.75
O2 IPA M . 16.86 12.00 32.05
C1 IPA N . -0.88 -5.40 64.01
C2 IPA N . 0.27 -6.22 63.45
C3 IPA N . 0.77 -7.22 64.52
O2 IPA N . -0.23 -7.07 62.48
C1 IPA O . 16.96 22.67 36.21
C2 IPA O . 18.15 21.81 35.77
C3 IPA O . 18.88 21.23 36.98
O2 IPA O . 17.70 20.70 35.08
C1 IPA P . 25.40 3.82 57.69
C2 IPA P . 24.64 5.10 57.21
C3 IPA P . 24.31 5.06 55.71
O2 IPA P . 23.42 5.31 57.88
C1 IPA Q . -10.24 -10.72 48.88
C2 IPA Q . -9.15 -10.06 49.74
C3 IPA Q . -7.80 -10.77 49.64
O2 IPA Q . -8.89 -8.79 49.27
C1 IPA R . -0.31 -8.41 55.70
C2 IPA R . 0.79 -8.53 54.64
C3 IPA R . 1.41 -9.92 54.71
O2 IPA R . 0.22 -8.46 53.36
C1 IPA S . -7.82 33.40 43.97
C2 IPA S . -6.84 32.68 44.90
C3 IPA S . -7.62 31.71 45.75
O2 IPA S . -5.99 31.89 44.13
C1 IPA T . 25.64 6.35 51.17
C2 IPA T . 25.45 5.98 49.68
C3 IPA T . 24.03 5.48 49.45
O2 IPA T . 25.59 7.12 48.87
C1 IPA U . 23.88 7.66 25.14
C2 IPA U . 24.56 6.95 23.96
C3 IPA U . 24.65 5.43 24.21
O2 IPA U . 23.81 7.07 22.79
C1 IPA V . 9.07 29.79 45.91
C2 IPA V . 10.22 30.40 45.15
C3 IPA V . 11.30 30.78 46.13
O2 IPA V . 10.82 29.39 44.39
C1 EDO W . 24.18 -1.77 52.29
O1 EDO W . 25.38 -1.62 51.51
C2 EDO W . 23.97 -3.19 52.88
O2 EDO W . 23.17 -4.06 52.06
C1 IPA X . 7.94 36.21 44.91
C2 IPA X . 9.19 35.70 45.62
C3 IPA X . 9.30 34.17 45.54
O2 IPA X . 10.31 36.11 44.90
C1 EDO Y . 3.02 18.84 15.97
O1 EDO Y . 3.67 17.63 15.55
C2 EDO Y . 3.96 20.00 15.60
O2 EDO Y . 3.75 21.12 16.43
C1 IPA Z . -18.11 -7.05 43.87
C2 IPA Z . -17.06 -7.21 44.97
C3 IPA Z . -17.43 -8.22 46.06
O2 IPA Z . -15.86 -7.66 44.49
C1 IPA AA . 5.13 -0.71 -63.52
C2 IPA AA . 6.35 -0.94 -64.40
C3 IPA AA . 7.63 -0.95 -63.63
O2 IPA AA . 6.33 -2.17 -64.82
PA FAD BA . -4.94 -4.12 -58.14
O1A FAD BA . -4.40 -3.19 -57.12
O2A FAD BA . -5.42 -3.56 -59.46
O5B FAD BA . -3.87 -5.23 -58.57
C5B FAD BA . -3.20 -5.98 -57.53
C4B FAD BA . -2.11 -6.85 -58.11
O4B FAD BA . -2.70 -8.07 -58.63
C3B FAD BA . -1.33 -6.28 -59.29
O3B FAD BA . -0.04 -6.86 -59.37
C2B FAD BA . -2.18 -6.69 -60.49
O2B FAD BA . -1.47 -6.78 -61.71
C1B FAD BA . -2.68 -8.08 -60.04
N9A FAD BA . -4.03 -8.42 -60.50
C8A FAD BA . -5.15 -7.63 -60.52
N7A FAD BA . -6.24 -8.25 -60.91
C5A FAD BA . -5.81 -9.54 -61.14
C6A FAD BA . -6.48 -10.71 -61.57
N6A FAD BA . -7.79 -10.75 -61.84
N1A FAD BA . -5.75 -11.84 -61.72
C2A FAD BA . -4.43 -11.80 -61.46
N3A FAD BA . -3.70 -10.77 -61.06
C4A FAD BA . -4.44 -9.67 -60.91
N1 FAD BA . -5.81 -5.72 -48.15
C2 FAD BA . -6.15 -6.63 -47.16
O2 FAD BA . -5.74 -7.80 -47.19
N3 FAD BA . -6.97 -6.25 -46.13
C4 FAD BA . -7.58 -5.01 -45.99
O4 FAD BA . -8.32 -4.80 -45.05
C4X FAD BA . -7.25 -4.06 -47.05
N5 FAD BA . -7.82 -2.86 -47.02
C5X FAD BA . -7.50 -1.96 -48.04
C6 FAD BA . -8.12 -0.70 -48.04
C7 FAD BA . -7.90 0.22 -49.05
C7M FAD BA . -8.58 1.57 -48.98
C8 FAD BA . -7.03 -0.12 -50.11
C8M FAD BA . -6.71 0.86 -51.22
C9 FAD BA . -6.40 -1.36 -50.11
C9A FAD BA . -6.62 -2.29 -49.09
N10 FAD BA . -6.02 -3.59 -49.08
C10 FAD BA . -6.34 -4.49 -48.09
C1' FAD BA . -5.03 -3.94 -50.11
C2' FAD BA . -5.68 -4.70 -51.26
O2' FAD BA . -6.10 -6.00 -50.85
C3' FAD BA . -4.73 -4.81 -52.47
O3' FAD BA . -4.25 -3.52 -52.84
C4' FAD BA . -5.11 -5.65 -53.69
O4' FAD BA . -4.24 -5.37 -54.78
C5' FAD BA . -6.56 -5.67 -54.11
O5' FAD BA . -7.04 -4.51 -54.81
P FAD BA . -7.31 -4.35 -56.43
O1P FAD BA . -8.47 -5.04 -57.06
O2P FAD BA . -7.34 -2.84 -56.42
O3P FAD BA . -6.18 -4.87 -57.42
C1 GOL CA . -7.11 4.13 -58.55
O1 GOL CA . -6.54 5.17 -59.35
C2 GOL CA . -7.69 4.66 -57.25
O2 GOL CA . -8.56 5.76 -57.53
C3 GOL CA . -8.49 3.55 -56.63
O3 GOL CA . -9.48 4.06 -55.73
C1 IPA DA . -11.54 -19.85 -34.12
C2 IPA DA . -10.45 -20.34 -33.18
C3 IPA DA . -10.98 -21.46 -32.29
O2 IPA DA . -9.40 -20.93 -33.88
C1 EDO EA . -8.91 0.80 -43.63
O1 EDO EA . -8.82 -0.15 -44.68
C2 EDO EA . -9.10 0.07 -42.26
O2 EDO EA . -9.59 1.00 -41.29
C1 IPA FA . 14.48 -5.90 -47.28
C2 IPA FA . 14.81 -7.38 -47.40
C3 IPA FA . 13.55 -8.24 -47.35
O2 IPA FA . 15.33 -7.63 -48.67
C1 IPA GA . 12.85 -8.51 -39.44
C2 IPA GA . 14.16 -8.84 -40.11
C3 IPA GA . 14.71 -10.20 -39.60
O2 IPA GA . 13.98 -8.95 -41.50
C1 IPA HA . -19.76 2.73 -32.03
C2 IPA HA . -18.42 2.14 -32.50
C3 IPA HA . -18.49 0.62 -32.50
O2 IPA HA . -18.14 2.50 -33.83
C1 IPA IA . -4.03 -2.91 -45.87
C2 IPA IA . -4.09 -3.16 -44.37
C3 IPA IA . -5.54 -3.23 -43.96
O2 IPA IA . -3.54 -4.39 -44.02
C1 IPA JA . 8.42 7.03 -60.61
C2 IPA JA . 7.67 7.68 -61.79
C3 IPA JA . 7.90 6.86 -63.05
O2 IPA JA . 6.30 7.63 -61.57
C1 IPA KA . -14.34 -20.36 -60.99
C2 IPA KA . -14.86 -21.52 -61.82
C3 IPA KA . -16.36 -21.70 -61.56
O2 IPA KA . -14.79 -21.24 -63.18
C1 IPA LA . 2.25 -20.35 -47.58
C2 IPA LA . 2.94 -20.03 -46.25
C3 IPA LA . 2.35 -20.84 -45.14
O2 IPA LA . 4.20 -20.55 -46.34
C1 IPA MA . 3.52 4.91 -42.43
C2 IPA MA . 3.93 5.99 -41.41
C3 IPA MA . 4.64 5.40 -40.19
O2 IPA MA . 4.87 6.81 -41.99
C1 IPA NA . -28.47 -24.40 -57.04
C2 IPA NA . -28.78 -24.62 -55.54
C3 IPA NA . -29.41 -25.99 -55.29
O2 IPA NA . -27.62 -24.67 -54.82
C1 GOL OA . -20.47 -25.13 -47.96
O1 GOL OA . -21.48 -24.47 -48.70
C2 GOL OA . -19.15 -24.41 -48.11
O2 GOL OA . -19.28 -23.06 -47.66
C3 GOL OA . -18.06 -25.10 -47.32
O3 GOL OA . -16.78 -24.65 -47.72
C1 IPA PA . -10.55 -22.92 -44.38
C2 IPA PA . -10.45 -22.42 -42.93
C3 IPA PA . -11.27 -23.30 -41.98
O2 IPA PA . -9.14 -22.54 -42.46
#